data_8C87
#
_entry.id   8C87
#
_cell.length_a   99.725
_cell.length_b   99.725
_cell.length_c   239.107
_cell.angle_alpha   90.000
_cell.angle_beta   90.000
_cell.angle_gamma   90.000
#
_symmetry.space_group_name_H-M   'P 42 21 2'
#
loop_
_entity.id
_entity.type
_entity.pdbx_description
1 polymer 'Reaction center protein H chain'
2 polymer 'Reaction center protein L chain'
3 polymer 'Reaction center protein M chain'
4 non-polymer 'LAURYL DIMETHYLAMINE-N-OXIDE'
5 non-polymer 'UNKNOWN LIGAND'
6 non-polymer 1,2-ETHANEDIOL
7 non-polymer '(2R)-2,3-dihydroxypropyl (9Z)-octadec-9-enoate'
8 non-polymer 'BACTERIOCHLOROPHYLL A'
9 non-polymer 'BACTERIOPHEOPHYTIN A'
10 non-polymer HEPTANE-1,2,3-TRIOL
11 non-polymer CARDIOLIPIN
12 non-polymer 'FE (III) ION'
13 non-polymer UBIQUINONE-10
14 non-polymer SPEROIDENONE
15 water water
#
loop_
_entity_poly.entity_id
_entity_poly.type
_entity_poly.pdbx_seq_one_letter_code
_entity_poly.pdbx_strand_id
1 'polypeptide(L)'
;FDLASLAIYSFWIFLAGLIYYLQTENMREGYPLENEDGTPAANQGPFPLPKPKTFILPHGRGTLTVPGPESEDRPIALAR
TAVSEGFPHAPTGDPMKDGVGPASWVARRDLPELDGHGHNKIKPMKAAAGFHVSAGKNPIGLPVRGCDLEIAGKVVDIWV
DIPEQMARFLEVELKDGSTRLLPMQMVKVQSNRVHVNALSSDLFAGIPTIKSPTEVTLLEEDKICGYVAGGLMYAAPKRK
SVVAAMLAEYA
;
H
2 'polypeptide(L)'
;ALLSFERKYRVPGGTLVGGNLFDFWVGPFYVGFFGVATFFFAALGIILIAWSAVLQGTWNPQLISVYPPALEYGLGGAPL
AKGGLWQIITICATGAFVSWALREVEICRKLGIGYHIPFAFAFAILAYLTLVLFRPVMMGAWGYAFPYGIWTHLDWVSNT
GYTYGNFHYNPCHMIAITFFFTNALALALHGALVLSAANPEKGKEMRTPDHEDTFFRDLVGYSIGTLGIHRLGLLLSLSA
VFFSACCMIITGTIWFDQWVDWWQWWVKLPWWANIPGGING
;
L
3 'polypeptide(L)'
;AEYQNIFTQVQVRGPADLGMTEDVNLANRSGVGPFSTLLGWFGNAQLGPIYLGSLGVLSLFSGLMWFFTIGIWFWYQAGW
NPAVFLRDLFFFSLEPPAPEYGLSFAAPLKEGGLWLIASFFMFVAVWSWWGRTYLRAQALGMGKHTAWAFLSAIWLWMVL
GFIRPILMGSWSEAVPYGIFSHLDWTNNFSLVHGNLFYNPFHGLSIAFLYGSALLFAMHGATILAVSRFGGERELEQIAD
RGTAAERAALFWRWTMGFNATMEGIHRWAIWMAVLVTLTGGIGILLSGTVVDNWYVWGQNHGM
;
M
#
loop_
_chem_comp.id
_chem_comp.type
_chem_comp.name
_chem_comp.formula
BCL non-polymer 'BACTERIOCHLOROPHYLL A' 'C55 H74 Mg N4 O6'
BPH non-polymer 'BACTERIOPHEOPHYTIN A' 'C55 H76 N4 O6'
CDL non-polymer CARDIOLIPIN 'C81 H156 O17 P2 -2'
EDO non-polymer 1,2-ETHANEDIOL 'C2 H6 O2'
FE non-polymer 'FE (III) ION' 'Fe 3'
HTO non-polymer HEPTANE-1,2,3-TRIOL 'C7 H16 O3'
LDA non-polymer 'LAURYL DIMETHYLAMINE-N-OXIDE' 'C14 H31 N O'
OLC non-polymer '(2R)-2,3-dihydroxypropyl (9Z)-octadec-9-enoate' 'C21 H40 O4'
SPN non-polymer SPEROIDENONE 'C41 H70 O2'
U10 non-polymer UBIQUINONE-10 'C59 H90 O4'
UNL non-polymer 'UNKNOWN LIGAND' ?
#
# COMPACT_ATOMS: atom_id res chain seq x y z
N PHE A 1 1.74 -17.09 34.61
CA PHE A 1 2.48 -16.12 33.79
C PHE A 1 3.81 -16.71 33.33
N ASP A 2 3.91 -17.01 32.04
CA ASP A 2 5.07 -17.70 31.50
C ASP A 2 5.87 -16.79 30.56
N LEU A 3 6.86 -17.40 29.88
CA LEU A 3 7.68 -16.70 28.91
C LEU A 3 6.83 -16.15 27.76
N ALA A 4 5.85 -16.93 27.30
CA ALA A 4 4.96 -16.43 26.25
C ALA A 4 4.05 -15.34 26.77
N SER A 5 3.57 -15.49 28.02
CA SER A 5 2.84 -14.43 28.70
C SER A 5 3.67 -13.15 28.76
N LEU A 6 4.84 -13.25 29.37
CA LEU A 6 5.80 -12.14 29.37
C LEU A 6 5.98 -11.56 27.98
N ALA A 7 6.22 -12.43 26.99
CA ALA A 7 6.48 -11.96 25.64
C ALA A 7 5.34 -11.09 25.15
N ILE A 8 4.14 -11.63 25.15
CA ILE A 8 3.04 -10.94 24.48
C ILE A 8 2.74 -9.63 25.19
N TYR A 9 2.74 -9.62 26.51
CA TYR A 9 2.49 -8.36 27.23
C TYR A 9 3.56 -7.34 26.91
N SER A 10 4.83 -7.78 26.84
CA SER A 10 5.91 -6.89 26.42
C SER A 10 5.68 -6.35 25.00
N PHE A 11 5.23 -7.19 24.07
CA PHE A 11 5.04 -6.69 22.70
C PHE A 11 3.99 -5.60 22.64
N TRP A 12 2.98 -5.68 23.50
CA TRP A 12 1.93 -4.68 23.46
C TRP A 12 2.38 -3.38 24.11
N ILE A 13 3.35 -3.46 25.02
CA ILE A 13 3.91 -2.26 25.63
C ILE A 13 4.85 -1.60 24.65
N PHE A 14 5.73 -2.39 24.02
CA PHE A 14 6.43 -1.91 22.84
C PHE A 14 5.45 -1.22 21.87
N LEU A 15 4.38 -1.91 21.49
CA LEU A 15 3.50 -1.44 20.41
C LEU A 15 2.91 -0.07 20.73
N ALA A 16 2.37 0.09 21.94
CA ALA A 16 1.93 1.40 22.41
C ALA A 16 3.06 2.42 22.35
N GLY A 17 4.29 1.98 22.63
CA GLY A 17 5.43 2.86 22.50
C GLY A 17 5.71 3.20 21.06
N LEU A 18 5.44 2.27 20.16
CA LEU A 18 5.69 2.51 18.75
C LEU A 18 4.62 3.43 18.14
N ILE A 19 3.35 3.26 18.53
CA ILE A 19 2.33 4.17 18.04
C ILE A 19 2.58 5.59 18.55
N TYR A 20 3.05 5.71 19.79
CA TYR A 20 3.41 7.02 20.33
C TYR A 20 4.54 7.66 19.51
N TYR A 21 5.48 6.84 19.03
CA TYR A 21 6.59 7.37 18.26
C TYR A 21 6.11 7.86 16.92
N LEU A 22 5.21 7.08 16.32
CA LEU A 22 4.78 7.29 14.95
C LEU A 22 3.83 8.49 14.85
N GLN A 23 2.87 8.60 15.76
CA GLN A 23 1.95 9.74 15.72
C GLN A 23 2.72 11.05 15.83
N THR A 24 3.65 11.15 16.79
CA THR A 24 4.44 12.37 16.98
C THR A 24 5.35 12.67 15.78
N GLU A 25 6.04 11.66 15.25
CA GLU A 25 6.71 11.82 13.96
C GLU A 25 5.76 12.41 12.91
N ASN A 26 4.49 12.10 13.00
CA ASN A 26 3.53 12.57 12.03
C ASN A 26 2.90 13.87 12.44
N MET A 27 3.57 14.64 13.29
CA MET A 27 3.14 15.96 13.70
C MET A 27 4.14 17.04 13.30
N ARG A 28 5.18 16.67 12.55
CA ARG A 28 6.22 17.59 12.12
C ARG A 28 5.75 18.58 11.02
N GLU A 29 4.51 18.50 10.54
CA GLU A 29 3.92 19.57 9.74
C GLU A 29 2.53 19.87 10.28
N GLY A 30 2.14 21.15 10.28
CA GLY A 30 0.77 21.50 10.63
C GLY A 30 0.55 21.71 12.11
N TYR A 31 1.56 21.47 12.93
CA TYR A 31 1.41 21.53 14.36
C TYR A 31 2.36 22.57 14.95
N PRO A 32 1.93 23.25 16.01
CA PRO A 32 0.68 23.03 16.72
C PRO A 32 -0.61 23.41 15.95
N LEU A 33 -1.72 22.78 16.37
CA LEU A 33 -3.07 23.15 15.94
C LEU A 33 -3.40 24.61 16.27
N GLU A 34 -4.21 25.23 15.42
CA GLU A 34 -4.55 26.65 15.50
C GLU A 34 -6.06 26.85 15.67
N ASN A 35 -6.42 27.94 16.30
CA ASN A 35 -7.84 28.31 16.28
C ASN A 35 -8.25 28.77 14.89
N GLU A 36 -9.55 28.94 14.69
CA GLU A 36 -9.95 29.28 13.34
C GLU A 36 -9.57 30.72 12.97
N ASP A 37 -9.14 31.52 13.95
CA ASP A 37 -8.53 32.80 13.64
C ASP A 37 -7.02 32.69 13.46
N GLY A 38 -6.46 31.49 13.57
CA GLY A 38 -5.06 31.31 13.25
C GLY A 38 -4.08 31.49 14.38
N THR A 39 -4.56 31.70 15.64
CA THR A 39 -3.72 31.74 16.83
C THR A 39 -3.64 30.36 17.46
N PRO A 40 -2.66 30.10 18.32
CA PRO A 40 -2.52 28.76 18.93
C PRO A 40 -3.84 28.29 19.50
N ALA A 41 -4.18 27.02 19.21
CA ALA A 41 -5.39 26.45 19.80
C ALA A 41 -5.21 26.23 21.30
N ALA A 42 -6.33 26.24 22.02
CA ALA A 42 -6.25 25.91 23.44
C ALA A 42 -5.78 24.48 23.63
N ASN A 43 -6.40 23.54 22.91
CA ASN A 43 -6.22 22.12 23.16
C ASN A 43 -5.54 21.45 21.97
N GLN A 44 -4.55 20.60 22.30
CA GLN A 44 -3.63 19.99 21.35
C GLN A 44 -3.63 18.46 21.37
N GLY A 45 -4.37 17.83 22.29
CA GLY A 45 -4.36 16.39 22.39
C GLY A 45 -3.35 15.91 23.40
N PRO A 46 -3.10 14.57 23.43
CA PRO A 46 -2.15 14.00 24.39
C PRO A 46 -0.73 13.91 23.86
N PHE A 47 -0.64 13.63 22.55
CA PHE A 47 0.64 13.49 21.88
C PHE A 47 1.32 14.85 21.82
N PRO A 48 2.55 14.97 22.30
CA PRO A 48 3.29 16.22 22.18
C PRO A 48 3.77 16.49 20.75
N LEU A 49 4.06 17.77 20.49
CA LEU A 49 4.96 18.26 19.45
C LEU A 49 6.27 17.47 19.42
N PRO A 50 6.77 17.07 18.25
CA PRO A 50 8.05 16.35 18.21
C PRO A 50 9.28 17.26 18.31
N LYS A 51 10.38 16.68 18.82
CA LYS A 51 11.64 17.40 18.86
C LYS A 51 12.11 17.70 17.45
N PRO A 52 12.48 18.94 17.15
CA PRO A 52 12.90 19.28 15.78
C PRO A 52 13.84 18.24 15.20
N LYS A 53 13.82 18.16 13.88
CA LYS A 53 14.75 17.38 13.12
C LYS A 53 15.12 18.25 11.94
N THR A 54 16.28 18.01 11.37
CA THR A 54 16.74 18.81 10.24
C THR A 54 17.05 17.91 9.07
N PHE A 55 16.76 18.40 7.87
CA PHE A 55 17.27 17.81 6.65
C PHE A 55 18.19 18.82 5.99
N ILE A 56 19.38 18.38 5.58
CA ILE A 56 20.29 19.22 4.80
C ILE A 56 19.99 19.00 3.33
N LEU A 57 19.58 20.07 2.67
CA LEU A 57 19.04 19.87 1.33
C LEU A 57 20.18 19.95 0.29
N PRO A 58 20.15 19.06 -0.70
CA PRO A 58 21.24 19.01 -1.69
C PRO A 58 21.32 20.28 -2.51
N HIS A 59 22.45 20.41 -3.21
CA HIS A 59 22.66 21.48 -4.16
C HIS A 59 22.63 22.84 -3.45
N GLY A 60 23.09 22.85 -2.21
CA GLY A 60 23.20 24.10 -1.48
C GLY A 60 21.90 24.75 -1.10
N ARG A 61 20.75 24.15 -1.44
CA ARG A 61 19.43 24.70 -1.13
C ARG A 61 19.22 24.96 0.35
N GLY A 62 20.15 24.58 1.22
CA GLY A 62 20.01 24.88 2.64
C GLY A 62 19.61 23.71 3.52
N THR A 63 18.82 24.01 4.56
CA THR A 63 18.40 23.05 5.55
C THR A 63 16.94 23.28 5.87
N LEU A 64 16.22 22.19 6.14
CA LEU A 64 14.86 22.26 6.65
C LEU A 64 14.83 21.76 8.08
N THR A 65 14.11 22.46 8.96
CA THR A 65 13.93 22.04 10.35
C THR A 65 12.44 21.89 10.68
N VAL A 66 12.01 20.71 11.10
CA VAL A 66 10.59 20.52 11.40
C VAL A 66 10.36 19.72 12.67
N PRO A 67 9.41 20.15 13.53
CA PRO A 67 8.55 21.35 13.38
C PRO A 67 9.25 22.70 13.52
N GLY A 68 9.09 23.61 12.56
CA GLY A 68 9.45 25.00 12.76
C GLY A 68 8.22 25.91 12.76
N PRO A 69 8.41 27.19 13.04
CA PRO A 69 7.26 28.11 13.08
C PRO A 69 6.53 28.11 11.75
N GLU A 70 5.28 27.64 11.76
CA GLU A 70 4.46 27.54 10.56
C GLU A 70 3.82 28.90 10.22
N SER A 71 3.95 29.32 8.95
CA SER A 71 3.21 30.44 8.38
C SER A 71 2.81 30.11 6.94
N GLU A 72 1.60 30.53 6.54
CA GLU A 72 1.16 30.23 5.17
C GLU A 72 1.94 31.00 4.12
N ASP A 73 2.65 32.06 4.51
CA ASP A 73 3.49 32.85 3.61
C ASP A 73 2.72 33.38 2.41
N ARG A 74 1.39 33.38 2.47
CA ARG A 74 0.51 33.81 1.37
C ARG A 74 -0.75 34.44 1.95
N PRO A 75 -1.26 35.49 1.33
CA PRO A 75 -2.60 35.97 1.71
C PRO A 75 -3.66 34.91 1.43
N ILE A 76 -4.55 34.69 2.41
CA ILE A 76 -5.67 33.75 2.28
CA ILE A 76 -5.67 33.75 2.31
C ILE A 76 -6.96 34.55 2.26
N ALA A 77 -7.54 34.72 1.07
CA ALA A 77 -8.74 35.55 0.84
C ALA A 77 -10.03 34.77 1.11
N LEU A 78 -10.29 34.55 2.39
CA LEU A 78 -11.36 33.70 2.91
C LEU A 78 -11.81 34.35 4.19
N ALA A 79 -12.96 33.92 4.70
CA ALA A 79 -13.44 34.52 5.95
C ALA A 79 -14.45 33.61 6.62
N ARG A 80 -14.35 33.52 7.95
CA ARG A 80 -15.31 32.78 8.76
C ARG A 80 -16.73 33.04 8.30
N THR A 81 -17.49 31.98 8.08
CA THR A 81 -18.94 32.06 7.86
C THR A 81 -19.74 31.94 9.14
N ALA A 82 -19.08 31.78 10.29
CA ALA A 82 -19.74 31.32 11.50
C ALA A 82 -19.00 31.80 12.73
N VAL A 83 -19.78 32.02 13.78
CA VAL A 83 -19.25 32.54 15.05
C VAL A 83 -18.43 31.48 15.76
N SER A 84 -19.06 30.34 16.06
CA SER A 84 -18.38 29.20 16.65
C SER A 84 -17.66 28.39 15.56
N GLU A 85 -16.74 27.53 15.98
CA GLU A 85 -15.86 26.84 15.05
CA GLU A 85 -15.89 26.86 15.01
C GLU A 85 -16.57 25.64 14.44
N GLY A 86 -16.11 25.24 13.24
CA GLY A 86 -16.60 24.08 12.53
C GLY A 86 -17.31 24.35 11.22
N PHE A 87 -17.40 25.59 10.75
CA PHE A 87 -18.17 25.82 9.55
C PHE A 87 -17.28 26.19 8.38
N PRO A 88 -17.79 26.11 7.12
CA PRO A 88 -17.04 26.59 5.98
C PRO A 88 -16.49 27.98 6.23
N HIS A 89 -15.46 28.35 5.46
CA HIS A 89 -15.02 29.73 5.38
C HIS A 89 -15.23 30.18 3.96
N ALA A 90 -16.06 31.27 3.77
CA ALA A 90 -16.34 31.37 2.35
C ALA A 90 -15.34 32.26 1.66
N PRO A 91 -15.06 31.96 0.39
CA PRO A 91 -14.13 32.80 -0.38
C PRO A 91 -14.70 34.20 -0.55
N THR A 92 -13.85 35.19 -0.27
CA THR A 92 -14.22 36.59 -0.36
C THR A 92 -14.10 37.15 -1.77
N GLY A 93 -13.23 36.55 -2.60
CA GLY A 93 -13.06 36.96 -3.98
C GLY A 93 -13.33 35.80 -4.91
N ASP A 94 -12.58 35.72 -6.04
CA ASP A 94 -12.56 34.58 -6.96
C ASP A 94 -11.70 33.44 -6.43
N PRO A 95 -12.29 32.37 -5.90
CA PRO A 95 -11.47 31.33 -5.25
C PRO A 95 -10.39 30.77 -6.16
N MET A 96 -10.69 30.66 -7.46
CA MET A 96 -9.74 30.18 -8.47
C MET A 96 -8.51 31.07 -8.60
N LYS A 97 -8.72 32.35 -8.81
CA LYS A 97 -7.60 33.28 -8.91
C LYS A 97 -6.89 33.42 -7.59
N ASP A 98 -7.65 33.39 -6.48
CA ASP A 98 -7.14 33.66 -5.13
C ASP A 98 -6.51 32.44 -4.48
N GLY A 99 -6.69 31.24 -5.05
CA GLY A 99 -6.07 30.03 -4.55
C GLY A 99 -6.62 29.51 -3.24
N VAL A 100 -7.92 29.18 -3.18
CA VAL A 100 -8.49 28.62 -1.97
C VAL A 100 -9.45 27.48 -2.34
N GLY A 101 -9.86 26.72 -1.33
CA GLY A 101 -10.63 25.54 -1.55
C GLY A 101 -9.87 24.63 -2.51
N PRO A 102 -10.59 23.90 -3.35
CA PRO A 102 -9.91 22.98 -4.27
C PRO A 102 -8.88 23.67 -5.18
N ALA A 103 -8.84 25.02 -5.16
CA ALA A 103 -7.88 25.82 -5.91
C ALA A 103 -6.60 26.20 -5.13
N SER A 104 -6.41 25.68 -3.91
CA SER A 104 -5.28 26.08 -3.07
C SER A 104 -3.93 25.77 -3.73
N TRP A 105 -3.00 26.71 -3.61
CA TRP A 105 -1.59 26.40 -3.75
C TRP A 105 -0.87 26.62 -2.42
N VAL A 106 0.37 26.18 -2.38
CA VAL A 106 1.25 26.43 -1.24
C VAL A 106 2.39 27.34 -1.66
N ALA A 107 2.80 28.23 -0.78
CA ALA A 107 3.99 29.03 -1.06
C ALA A 107 5.18 28.08 -1.09
N ARG A 108 5.32 27.32 -2.17
CA ARG A 108 6.49 26.46 -2.24
C ARG A 108 7.70 27.27 -2.66
N ARG A 109 8.85 26.61 -2.62
CA ARG A 109 10.08 27.22 -3.11
C ARG A 109 9.91 27.66 -4.56
N ASP A 110 10.09 28.95 -4.80
CA ASP A 110 10.03 29.47 -6.17
C ASP A 110 11.27 29.07 -6.96
N LEU A 111 11.76 27.87 -6.72
CA LEU A 111 12.86 27.32 -7.49
C LEU A 111 12.39 26.06 -8.18
N PRO A 112 13.05 25.63 -9.26
CA PRO A 112 12.66 24.36 -9.88
C PRO A 112 13.30 23.20 -9.14
N GLU A 113 12.58 22.07 -9.12
CA GLU A 113 13.12 20.85 -8.54
C GLU A 113 14.27 20.33 -9.41
N LEU A 114 15.35 19.93 -8.73
CA LEU A 114 16.55 19.44 -9.38
C LEU A 114 16.66 17.95 -9.20
N ASP A 115 17.23 17.28 -10.20
CA ASP A 115 17.52 15.86 -10.13
C ASP A 115 18.80 15.66 -9.33
N GLY A 116 19.32 14.42 -9.34
CA GLY A 116 20.52 14.14 -8.57
C GLY A 116 21.70 15.00 -8.98
N HIS A 117 21.77 15.36 -10.25
CA HIS A 117 22.95 16.03 -10.76
C HIS A 117 22.83 17.55 -10.76
N GLY A 118 21.68 18.09 -10.37
CA GLY A 118 21.51 19.52 -10.26
C GLY A 118 20.88 20.19 -11.46
N HIS A 119 20.44 19.42 -12.45
CA HIS A 119 19.69 19.96 -13.58
C HIS A 119 18.20 19.95 -13.23
N ASN A 120 17.46 20.82 -13.91
CA ASN A 120 16.02 20.87 -13.73
C ASN A 120 15.45 19.48 -13.98
N LYS A 121 14.59 19.03 -13.05
CA LYS A 121 13.91 17.74 -13.16
C LYS A 121 12.93 17.71 -14.34
N ILE A 122 12.23 18.82 -14.57
CA ILE A 122 11.22 18.94 -15.61
C ILE A 122 11.76 19.88 -16.68
N LYS A 123 11.57 19.50 -17.96
CA LYS A 123 12.01 20.23 -19.15
C LYS A 123 11.02 19.98 -20.29
N PRO A 124 10.67 20.99 -21.08
CA PRO A 124 9.83 20.72 -22.26
C PRO A 124 10.61 19.87 -23.24
N MET A 125 9.93 18.85 -23.81
CA MET A 125 10.60 17.83 -24.61
C MET A 125 11.54 18.42 -25.64
N LYS A 126 11.12 19.49 -26.33
CA LYS A 126 11.97 20.15 -27.31
C LYS A 126 13.03 21.04 -26.66
N ALA A 127 13.27 20.82 -25.36
CA ALA A 127 14.51 21.18 -24.70
C ALA A 127 15.25 19.96 -24.14
N ALA A 128 14.64 18.77 -24.19
CA ALA A 128 15.20 17.55 -23.64
C ALA A 128 15.72 16.68 -24.79
N ALA A 129 17.03 16.79 -25.04
CA ALA A 129 17.70 16.11 -26.14
C ALA A 129 17.41 14.61 -26.12
N GLY A 130 16.89 14.10 -27.22
CA GLY A 130 16.64 12.68 -27.31
C GLY A 130 15.27 12.21 -26.89
N PHE A 131 14.46 13.05 -26.23
CA PHE A 131 13.15 12.64 -25.74
C PHE A 131 12.07 12.77 -26.80
N HIS A 132 11.14 11.83 -26.79
CA HIS A 132 10.13 11.66 -27.82
C HIS A 132 9.00 10.84 -27.24
N VAL A 133 7.83 10.93 -27.86
CA VAL A 133 6.73 10.03 -27.51
C VAL A 133 7.08 8.62 -27.96
N SER A 134 6.95 7.66 -27.05
CA SER A 134 7.38 6.31 -27.34
C SER A 134 6.23 5.31 -27.51
N ALA A 135 5.01 5.67 -27.09
CA ALA A 135 3.87 4.79 -27.23
C ALA A 135 2.62 5.60 -26.88
N GLY A 136 1.47 5.14 -27.36
CA GLY A 136 0.23 5.84 -27.16
C GLY A 136 0.13 7.08 -28.04
N LYS A 137 -1.10 7.61 -28.14
CA LYS A 137 -1.39 8.70 -29.06
C LYS A 137 -0.54 9.93 -28.72
N ASN A 138 0.45 10.23 -29.56
CA ASN A 138 1.25 11.44 -29.40
C ASN A 138 0.39 12.69 -29.52
N PRO A 139 0.27 13.51 -28.46
CA PRO A 139 -0.76 14.54 -28.40
C PRO A 139 -0.37 15.91 -28.94
N ILE A 140 0.89 16.14 -29.31
CA ILE A 140 1.29 17.46 -29.76
C ILE A 140 0.52 17.80 -31.05
N GLY A 141 0.07 19.06 -31.15
CA GLY A 141 -0.70 19.52 -32.30
C GLY A 141 -2.20 19.33 -32.17
N LEU A 142 -2.64 18.67 -31.15
CA LEU A 142 -4.04 18.35 -30.92
C LEU A 142 -4.76 19.57 -30.33
N PRO A 143 -5.98 19.87 -30.79
CA PRO A 143 -6.78 20.88 -30.10
C PRO A 143 -7.16 20.43 -28.69
N VAL A 144 -7.24 21.37 -27.76
CA VAL A 144 -7.51 21.12 -26.35
C VAL A 144 -8.91 21.65 -26.03
N ARG A 145 -9.81 20.75 -25.66
CA ARG A 145 -11.20 21.10 -25.37
C ARG A 145 -11.45 21.09 -23.86
N GLY A 146 -12.22 22.06 -23.38
CA GLY A 146 -12.62 22.14 -21.99
C GLY A 146 -14.00 21.55 -21.76
N CYS A 147 -14.45 21.62 -20.49
CA CYS A 147 -15.74 21.02 -20.12
C CYS A 147 -16.94 21.78 -20.69
N ASP A 148 -16.75 22.98 -21.24
CA ASP A 148 -17.80 23.64 -22.02
C ASP A 148 -17.88 23.10 -23.45
N LEU A 149 -17.00 22.14 -23.79
CA LEU A 149 -16.88 21.47 -25.09
C LEU A 149 -16.32 22.38 -26.17
N GLU A 150 -15.83 23.57 -25.80
CA GLU A 150 -15.25 24.50 -26.73
C GLU A 150 -13.74 24.39 -26.62
N ILE A 151 -13.06 24.71 -27.72
CA ILE A 151 -11.61 24.51 -27.77
C ILE A 151 -10.94 25.69 -27.10
N ALA A 152 -9.83 25.41 -26.41
CA ALA A 152 -9.04 26.40 -25.69
C ALA A 152 -7.67 26.65 -26.31
N GLY A 153 -7.25 25.84 -27.25
CA GLY A 153 -5.90 25.96 -27.75
C GLY A 153 -5.47 24.69 -28.42
N LYS A 154 -4.18 24.64 -28.72
CA LYS A 154 -3.60 23.47 -29.35
C LYS A 154 -2.33 23.10 -28.62
N VAL A 155 -2.09 21.79 -28.47
CA VAL A 155 -0.87 21.33 -27.81
C VAL A 155 0.33 21.65 -28.68
N VAL A 156 1.35 22.22 -28.04
CA VAL A 156 2.59 22.52 -28.74
C VAL A 156 3.76 21.70 -28.22
N ASP A 157 3.76 21.28 -26.95
CA ASP A 157 4.87 20.56 -26.36
C ASP A 157 4.36 19.64 -25.26
N ILE A 158 5.19 18.65 -24.93
CA ILE A 158 5.05 17.81 -23.75
C ILE A 158 6.21 18.14 -22.80
N TRP A 159 5.89 18.39 -21.54
CA TRP A 159 6.88 18.68 -20.51
C TRP A 159 7.11 17.41 -19.69
N VAL A 160 8.36 16.92 -19.66
CA VAL A 160 8.66 15.57 -19.17
C VAL A 160 9.45 15.56 -17.87
N ASP A 161 9.14 14.58 -17.03
CA ASP A 161 9.96 14.19 -15.89
C ASP A 161 11.14 13.35 -16.42
N ILE A 162 12.25 14.01 -16.73
CA ILE A 162 13.45 13.38 -17.29
C ILE A 162 13.85 12.15 -16.47
N PRO A 163 14.45 12.29 -15.24
CA PRO A 163 14.93 11.09 -14.52
C PRO A 163 14.03 9.87 -14.59
N GLU A 164 12.72 10.11 -14.84
CA GLU A 164 11.69 9.11 -14.78
C GLU A 164 10.87 9.00 -16.07
N GLN A 165 11.13 9.84 -17.05
CA GLN A 165 10.67 9.62 -18.41
C GLN A 165 9.15 9.54 -18.48
N MET A 166 8.48 10.52 -17.87
CA MET A 166 7.04 10.56 -17.96
C MET A 166 6.54 11.94 -18.34
N ALA A 167 5.52 11.94 -19.19
CA ALA A 167 4.71 13.13 -19.40
C ALA A 167 4.16 13.59 -18.08
N ARG A 168 4.43 14.86 -17.76
CA ARG A 168 3.88 15.60 -16.64
C ARG A 168 2.94 16.72 -17.06
N PHE A 169 3.30 17.49 -18.08
CA PHE A 169 2.49 18.62 -18.49
C PHE A 169 2.28 18.60 -20.00
N LEU A 170 1.12 19.07 -20.43
CA LEU A 170 0.93 19.50 -21.81
C LEU A 170 1.06 21.02 -21.82
N GLU A 171 2.01 21.55 -22.59
CA GLU A 171 2.00 22.98 -22.87
C GLU A 171 0.97 23.26 -23.96
N VAL A 172 0.16 24.30 -23.75
CA VAL A 172 -1.05 24.49 -24.56
C VAL A 172 -1.12 25.93 -25.06
N GLU A 173 -1.24 26.10 -26.38
CA GLU A 173 -1.17 27.41 -27.02
C GLU A 173 -2.58 28.00 -27.18
N LEU A 174 -2.85 29.08 -26.46
CA LEU A 174 -4.17 29.72 -26.39
C LEU A 174 -4.37 30.73 -27.53
N LYS A 175 -5.54 31.40 -27.47
CA LYS A 175 -5.99 32.30 -28.54
C LYS A 175 -4.99 33.41 -28.84
N ASP A 176 -4.32 33.95 -27.81
CA ASP A 176 -3.34 35.01 -28.04
C ASP A 176 -1.95 34.49 -28.41
N GLY A 177 -1.81 33.18 -28.60
CA GLY A 177 -0.52 32.61 -28.95
C GLY A 177 0.43 32.40 -27.79
N SER A 178 0.13 32.96 -26.62
CA SER A 178 0.82 32.56 -25.39
C SER A 178 0.42 31.13 -25.02
N THR A 179 1.08 30.57 -24.00
CA THR A 179 0.85 29.20 -23.59
C THR A 179 0.67 29.12 -22.07
N ARG A 180 -0.08 28.11 -21.64
CA ARG A 180 -0.07 27.67 -20.25
C ARG A 180 0.27 26.18 -20.21
N LEU A 181 0.62 25.72 -19.00
CA LEU A 181 0.86 24.31 -18.73
C LEU A 181 -0.38 23.65 -18.16
N LEU A 182 -0.57 22.37 -18.54
CA LEU A 182 -1.72 21.55 -18.15
C LEU A 182 -1.23 20.23 -17.57
N PRO A 183 -1.63 19.84 -16.35
CA PRO A 183 -1.12 18.59 -15.75
C PRO A 183 -1.54 17.39 -16.58
N MET A 184 -0.61 16.44 -16.71
CA MET A 184 -0.94 15.25 -17.47
C MET A 184 -1.98 14.42 -16.75
N GLN A 185 -1.94 14.41 -15.41
CA GLN A 185 -2.91 13.66 -14.62
C GLN A 185 -4.32 14.25 -14.72
N MET A 186 -4.52 15.31 -15.50
CA MET A 186 -5.79 16.01 -15.50
C MET A 186 -6.40 16.16 -16.88
N VAL A 187 -5.88 15.42 -17.87
CA VAL A 187 -6.30 15.51 -19.26
C VAL A 187 -6.65 14.10 -19.73
N LYS A 188 -7.50 14.05 -20.74
CA LYS A 188 -7.72 12.82 -21.48
C LYS A 188 -7.19 13.03 -22.90
N VAL A 189 -6.20 12.23 -23.29
CA VAL A 189 -5.64 12.27 -24.62
C VAL A 189 -6.48 11.34 -25.49
N GLN A 190 -7.05 11.88 -26.56
CA GLN A 190 -7.85 11.12 -27.50
C GLN A 190 -7.25 11.31 -28.88
N SER A 191 -7.72 10.50 -29.86
CA SER A 191 -7.03 10.46 -31.15
C SER A 191 -7.11 11.79 -31.89
N ASN A 192 -8.08 12.63 -31.53
CA ASN A 192 -8.40 13.81 -32.30
C ASN A 192 -8.51 15.04 -31.41
N ARG A 193 -8.45 14.87 -30.10
CA ARG A 193 -8.51 16.01 -29.19
C ARG A 193 -7.91 15.62 -27.84
N VAL A 194 -7.60 16.64 -27.07
CA VAL A 194 -7.30 16.50 -25.66
C VAL A 194 -8.44 17.18 -24.91
N HIS A 195 -9.04 16.45 -23.97
CA HIS A 195 -10.22 16.89 -23.24
C HIS A 195 -9.85 17.10 -21.78
N VAL A 196 -10.28 18.23 -21.24
CA VAL A 196 -9.92 18.64 -19.90
C VAL A 196 -11.22 18.85 -19.16
N ASN A 197 -11.67 17.84 -18.41
CA ASN A 197 -12.94 18.03 -17.75
C ASN A 197 -12.90 19.06 -16.63
N ALA A 198 -11.69 19.40 -16.14
CA ALA A 198 -11.57 20.28 -14.98
C ALA A 198 -11.92 21.72 -15.30
N LEU A 199 -11.58 22.22 -16.49
CA LEU A 199 -11.80 23.62 -16.81
C LEU A 199 -12.67 23.77 -18.06
N SER A 200 -13.42 24.87 -18.11
CA SER A 200 -14.03 25.30 -19.34
C SER A 200 -13.01 26.13 -20.09
N SER A 201 -13.23 26.28 -21.40
CA SER A 201 -12.24 26.94 -22.26
C SER A 201 -11.95 28.36 -21.77
N ASP A 202 -12.99 29.16 -21.54
CA ASP A 202 -12.81 30.55 -21.09
C ASP A 202 -11.85 30.68 -19.90
N LEU A 203 -11.75 29.65 -19.07
CA LEU A 203 -10.87 29.71 -17.91
C LEU A 203 -9.41 29.39 -18.21
N PHE A 204 -9.11 28.71 -19.32
CA PHE A 204 -7.73 28.30 -19.61
C PHE A 204 -6.72 29.43 -19.47
N ALA A 205 -7.12 30.68 -19.60
CA ALA A 205 -6.14 31.74 -19.46
C ALA A 205 -5.87 32.13 -18.02
N GLY A 206 -6.72 31.70 -17.09
CA GLY A 206 -6.45 31.97 -15.70
C GLY A 206 -5.49 30.99 -15.09
N ILE A 207 -4.99 30.06 -15.90
CA ILE A 207 -3.93 29.19 -15.43
C ILE A 207 -2.70 30.04 -15.13
N PRO A 208 -2.05 29.87 -13.98
CA PRO A 208 -0.93 30.77 -13.65
C PRO A 208 0.25 30.56 -14.58
N THR A 209 0.91 31.66 -14.93
CA THR A 209 1.96 31.53 -15.92
C THR A 209 3.31 31.28 -15.26
N ILE A 210 4.26 30.82 -16.08
CA ILE A 210 5.64 30.59 -15.66
C ILE A 210 6.50 31.74 -16.18
N LYS A 211 7.41 32.22 -15.33
CA LYS A 211 8.27 33.35 -15.65
C LYS A 211 9.48 32.97 -16.50
N SER A 212 9.46 31.81 -17.17
CA SER A 212 10.56 31.33 -18.00
C SER A 212 10.06 30.19 -18.87
N PRO A 213 10.56 30.02 -20.13
CA PRO A 213 9.89 29.12 -21.08
C PRO A 213 10.36 27.68 -21.04
N THR A 214 11.52 27.41 -20.48
CA THR A 214 12.10 26.07 -20.46
C THR A 214 12.34 25.54 -19.05
N GLU A 215 11.67 26.11 -18.05
CA GLU A 215 11.66 25.58 -16.68
C GLU A 215 10.40 26.04 -15.97
N VAL A 216 10.16 25.42 -14.82
CA VAL A 216 8.98 25.74 -14.04
C VAL A 216 9.37 25.58 -12.59
N THR A 217 8.89 26.47 -11.74
CA THR A 217 9.25 26.32 -10.34
C THR A 217 8.24 25.43 -9.65
N LEU A 218 8.63 24.94 -8.47
CA LEU A 218 7.69 24.24 -7.61
C LEU A 218 6.55 25.16 -7.18
N LEU A 219 6.89 26.42 -6.84
CA LEU A 219 5.87 27.44 -6.62
C LEU A 219 4.92 27.50 -7.82
N GLU A 220 5.48 27.58 -9.03
CA GLU A 220 4.65 27.65 -10.22
C GLU A 220 3.83 26.38 -10.37
N GLU A 221 4.48 25.23 -10.25
CA GLU A 221 3.79 23.97 -10.43
C GLU A 221 2.55 23.93 -9.55
N ASP A 222 2.75 24.32 -8.28
CA ASP A 222 1.71 24.26 -7.27
C ASP A 222 0.55 25.18 -7.63
N LYS A 223 0.84 26.43 -8.03
CA LYS A 223 -0.22 27.29 -8.53
C LYS A 223 -0.91 26.69 -9.74
N ILE A 224 -0.14 26.18 -10.70
CA ILE A 224 -0.72 25.67 -11.94
C ILE A 224 -1.58 24.45 -11.65
N CYS A 225 -1.16 23.62 -10.70
CA CYS A 225 -1.89 22.38 -10.43
C CYS A 225 -3.16 22.63 -9.61
N GLY A 226 -3.07 23.41 -8.53
CA GLY A 226 -4.24 23.59 -7.71
C GLY A 226 -5.35 24.34 -8.41
N TYR A 227 -4.98 25.21 -9.35
CA TYR A 227 -5.97 25.93 -10.13
C TYR A 227 -6.72 24.98 -11.06
N VAL A 228 -6.00 24.07 -11.74
CA VAL A 228 -6.68 23.12 -12.64
C VAL A 228 -7.63 22.22 -11.84
N ALA A 229 -7.17 21.72 -10.70
CA ALA A 229 -8.03 20.89 -9.85
C ALA A 229 -9.16 21.69 -9.22
N GLY A 230 -8.97 23.02 -9.09
CA GLY A 230 -10.04 23.86 -8.57
C GLY A 230 -11.22 24.01 -9.52
N GLY A 231 -11.02 23.72 -10.81
CA GLY A 231 -12.11 23.80 -11.77
C GLY A 231 -13.17 22.74 -11.56
N LEU A 232 -12.81 21.59 -10.96
CA LEU A 232 -13.80 20.55 -10.69
C LEU A 232 -14.92 21.09 -9.80
N MET A 233 -14.57 21.83 -8.75
CA MET A 233 -15.60 22.54 -7.97
C MET A 233 -16.15 23.77 -8.67
N TYR A 234 -15.27 24.58 -9.26
CA TYR A 234 -15.61 25.98 -9.50
C TYR A 234 -16.02 26.30 -10.93
N ALA A 235 -15.61 25.49 -11.90
CA ALA A 235 -16.08 25.61 -13.27
C ALA A 235 -17.20 24.62 -13.60
N ALA A 236 -17.84 24.03 -12.58
CA ALA A 236 -18.93 23.09 -12.78
C ALA A 236 -20.26 23.76 -13.17
N PRO A 237 -20.50 25.07 -12.80
CA PRO A 237 -21.60 25.84 -13.41
C PRO A 237 -21.63 25.79 -14.93
N LYS A 238 -20.49 25.51 -15.55
CA LYS A 238 -20.39 25.46 -16.99
C LYS A 238 -20.29 24.04 -17.54
N ARG A 239 -20.29 23.01 -16.69
CA ARG A 239 -20.17 21.63 -17.13
C ARG A 239 -21.56 21.07 -17.44
N LYS A 240 -21.82 20.78 -18.71
CA LYS A 240 -23.08 20.19 -19.15
C LYS A 240 -22.80 19.07 -20.13
N ALA B 1 -10.33 22.49 16.32
CA ALA B 1 -9.03 23.02 15.94
C ALA B 1 -8.64 22.62 14.49
N LEU B 2 -7.60 23.28 13.95
CA LEU B 2 -7.13 23.12 12.58
C LEU B 2 -5.61 22.94 12.53
N LEU B 3 -5.16 22.18 11.51
CA LEU B 3 -3.77 22.26 11.05
C LEU B 3 -3.47 23.66 10.55
N SER B 4 -2.26 24.14 10.85
CA SER B 4 -1.87 25.50 10.47
C SER B 4 -2.05 25.81 8.99
N PHE B 5 -2.19 24.80 8.11
CA PHE B 5 -2.48 25.06 6.71
C PHE B 5 -3.90 24.68 6.28
N GLU B 6 -4.75 24.25 7.21
CA GLU B 6 -6.03 23.67 6.81
C GLU B 6 -7.08 24.69 6.41
N ARG B 7 -6.98 25.94 6.88
CA ARG B 7 -8.11 26.87 6.79
C ARG B 7 -8.53 27.08 5.33
N LYS B 8 -7.57 27.31 4.44
CA LYS B 8 -7.93 27.64 3.07
C LYS B 8 -8.64 26.50 2.36
N TYR B 9 -8.64 25.29 2.93
CA TYR B 9 -9.36 24.18 2.32
C TYR B 9 -10.78 24.03 2.85
N ARG B 10 -11.09 24.56 4.04
CA ARG B 10 -12.43 24.42 4.58
C ARG B 10 -13.44 25.33 3.87
N VAL B 11 -13.61 25.15 2.57
CA VAL B 11 -14.56 25.94 1.80
C VAL B 11 -15.89 25.22 1.70
N PRO B 12 -16.99 25.91 1.42
CA PRO B 12 -18.22 25.18 1.13
C PRO B 12 -18.14 24.59 -0.27
N GLY B 13 -18.86 23.49 -0.47
CA GLY B 13 -18.96 22.86 -1.77
C GLY B 13 -18.58 21.40 -1.75
N GLY B 14 -18.90 20.70 -2.82
CA GLY B 14 -18.54 19.32 -2.95
C GLY B 14 -19.53 18.32 -2.38
N THR B 15 -20.59 18.77 -1.74
CA THR B 15 -21.55 17.83 -1.19
C THR B 15 -22.30 17.12 -2.30
N LEU B 16 -22.70 15.89 -2.03
CA LEU B 16 -23.46 15.10 -2.99
C LEU B 16 -24.95 15.03 -2.65
N VAL B 17 -25.28 15.12 -1.36
CA VAL B 17 -26.66 15.05 -0.90
C VAL B 17 -26.85 16.13 0.16
N GLY B 18 -27.92 16.89 0.05
CA GLY B 18 -28.29 17.84 1.08
C GLY B 18 -27.74 19.22 0.92
N GLY B 19 -27.12 19.52 -0.22
CA GLY B 19 -26.54 20.84 -0.42
C GLY B 19 -25.58 21.18 0.70
N ASN B 20 -25.75 22.38 1.24
CA ASN B 20 -24.88 22.87 2.29
C ASN B 20 -25.35 22.46 3.68
N LEU B 21 -26.51 21.78 3.80
N LEU B 21 -26.48 21.73 3.77
CA LEU B 21 -27.11 21.59 5.11
CA LEU B 21 -27.15 21.50 5.05
C LEU B 21 -26.17 20.87 6.07
C LEU B 21 -26.25 20.79 6.05
N PHE B 22 -25.35 19.94 5.57
CA PHE B 22 -24.46 19.17 6.43
C PHE B 22 -22.98 19.48 6.17
N ASP B 23 -22.68 20.69 5.68
CA ASP B 23 -21.32 21.00 5.22
C ASP B 23 -20.52 21.58 6.40
N PHE B 24 -20.12 20.71 7.31
CA PHE B 24 -19.39 21.23 8.44
C PHE B 24 -18.56 20.13 9.08
N TRP B 25 -17.74 20.57 10.03
CA TRP B 25 -16.76 19.73 10.72
C TRP B 25 -17.13 19.64 12.20
N VAL B 26 -16.86 18.48 12.78
CA VAL B 26 -16.92 18.29 14.23
C VAL B 26 -15.52 17.94 14.66
N GLY B 27 -14.87 18.85 15.37
CA GLY B 27 -13.44 18.79 15.57
C GLY B 27 -12.68 18.70 14.26
N PRO B 28 -11.91 17.60 14.09
CA PRO B 28 -11.27 17.34 12.80
C PRO B 28 -12.17 16.60 11.83
N PHE B 29 -13.28 16.05 12.31
CA PHE B 29 -14.10 15.14 11.52
C PHE B 29 -15.08 15.92 10.67
N TYR B 30 -15.01 15.74 9.35
CA TYR B 30 -16.03 16.30 8.49
C TYR B 30 -17.31 15.56 8.84
N VAL B 31 -18.43 16.14 8.44
CA VAL B 31 -19.75 15.60 8.77
C VAL B 31 -20.31 15.25 7.39
N GLY B 32 -21.11 16.15 6.82
CA GLY B 32 -21.79 15.82 5.59
C GLY B 32 -22.89 14.81 5.80
N PHE B 33 -23.78 14.66 4.80
CA PHE B 33 -24.91 13.74 4.94
C PHE B 33 -24.47 12.34 5.34
N PHE B 34 -23.39 11.86 4.75
CA PHE B 34 -23.09 10.44 4.92
C PHE B 34 -22.39 10.16 6.24
N GLY B 35 -21.89 11.19 6.91
CA GLY B 35 -21.45 11.08 8.28
C GLY B 35 -22.63 11.11 9.24
N VAL B 36 -23.63 11.93 8.91
CA VAL B 36 -24.95 11.74 9.52
C VAL B 36 -25.34 10.28 9.40
N ALA B 37 -25.36 9.77 8.17
CA ALA B 37 -25.83 8.40 7.94
C ALA B 37 -24.93 7.38 8.61
N THR B 38 -23.60 7.53 8.43
CA THR B 38 -22.67 6.61 9.08
C THR B 38 -22.98 6.52 10.58
N PHE B 39 -23.06 7.68 11.23
CA PHE B 39 -23.46 7.77 12.63
C PHE B 39 -24.76 7.01 12.91
N PHE B 40 -25.81 7.31 12.15
CA PHE B 40 -27.06 6.59 12.37
C PHE B 40 -26.86 5.08 12.26
N PHE B 41 -26.38 4.59 11.11
CA PHE B 41 -26.25 3.16 10.90
C PHE B 41 -25.32 2.51 11.92
N ALA B 42 -24.21 3.17 12.23
CA ALA B 42 -23.29 2.57 13.18
C ALA B 42 -23.79 2.71 14.61
N ALA B 43 -24.59 3.75 14.91
CA ALA B 43 -25.21 3.87 16.22
C ALA B 43 -26.21 2.76 16.46
N LEU B 44 -27.13 2.56 15.51
CA LEU B 44 -28.10 1.47 15.63
C LEU B 44 -27.39 0.13 15.83
N GLY B 45 -26.43 -0.17 14.97
CA GLY B 45 -25.78 -1.47 15.04
C GLY B 45 -25.12 -1.74 16.38
N ILE B 46 -24.63 -0.69 17.02
CA ILE B 46 -23.94 -0.85 18.28
C ILE B 46 -24.93 -1.08 19.40
N ILE B 47 -26.08 -0.40 19.32
CA ILE B 47 -27.14 -0.70 20.27
C ILE B 47 -27.53 -2.16 20.19
N LEU B 48 -27.79 -2.65 18.98
CA LEU B 48 -28.29 -4.00 18.83
C LEU B 48 -27.27 -5.05 19.19
N ILE B 49 -25.97 -4.72 19.10
CA ILE B 49 -24.95 -5.58 19.69
C ILE B 49 -25.06 -5.54 21.22
N ALA B 50 -25.24 -4.35 21.79
CA ALA B 50 -25.42 -4.27 23.23
C ALA B 50 -26.66 -5.05 23.67
N TRP B 51 -27.74 -4.95 22.88
CA TRP B 51 -28.88 -5.83 23.09
C TRP B 51 -28.45 -7.29 22.99
N SER B 52 -27.98 -7.70 21.80
CA SER B 52 -27.50 -9.05 21.59
C SER B 52 -26.53 -9.49 22.69
N ALA B 53 -25.96 -8.55 23.43
CA ALA B 53 -25.09 -8.82 24.57
C ALA B 53 -25.87 -9.02 25.86
N VAL B 54 -26.95 -8.27 26.08
CA VAL B 54 -27.73 -8.51 27.28
C VAL B 54 -28.57 -9.79 27.16
N LEU B 55 -28.94 -10.22 25.94
CA LEU B 55 -29.59 -11.54 25.83
C LEU B 55 -28.61 -12.66 26.13
N GLN B 56 -27.43 -12.64 25.50
CA GLN B 56 -26.42 -13.63 25.82
C GLN B 56 -26.08 -13.63 27.30
N GLY B 57 -26.05 -12.48 27.94
CA GLY B 57 -25.81 -12.39 29.36
C GLY B 57 -24.40 -12.08 29.77
N THR B 58 -23.62 -11.39 28.93
CA THR B 58 -22.23 -11.09 29.22
C THR B 58 -21.92 -9.71 28.68
N TRP B 59 -21.09 -8.96 29.41
CA TRP B 59 -20.63 -7.67 28.91
C TRP B 59 -19.13 -7.68 28.63
N ASN B 60 -18.60 -8.85 28.32
CA ASN B 60 -17.20 -9.01 27.99
C ASN B 60 -17.03 -8.99 26.49
N PRO B 61 -16.29 -8.04 25.93
CA PRO B 61 -16.09 -8.02 24.47
C PRO B 61 -15.54 -9.31 23.91
N GLN B 62 -14.79 -10.07 24.70
CA GLN B 62 -14.14 -11.26 24.16
C GLN B 62 -15.07 -12.47 24.11
N LEU B 63 -16.20 -12.44 24.82
CA LEU B 63 -17.22 -13.49 24.69
C LEU B 63 -18.40 -13.14 23.79
N ILE B 64 -18.72 -11.84 23.61
CA ILE B 64 -19.90 -11.41 22.84
C ILE B 64 -19.85 -12.00 21.44
N SER B 65 -20.91 -12.70 21.05
CA SER B 65 -20.98 -13.28 19.71
C SER B 65 -22.39 -13.11 19.20
N VAL B 66 -22.53 -12.36 18.09
CA VAL B 66 -23.81 -12.28 17.39
C VAL B 66 -23.79 -13.33 16.29
N TYR B 67 -24.61 -14.25 16.41
CA TYR B 67 -24.58 -15.39 15.51
C TYR B 67 -25.56 -15.19 14.37
N PRO B 68 -25.24 -15.71 13.18
CA PRO B 68 -26.22 -15.72 12.06
C PRO B 68 -27.33 -16.73 12.29
N PRO B 69 -28.48 -16.56 11.63
CA PRO B 69 -29.58 -17.53 11.80
C PRO B 69 -29.18 -18.97 11.47
N ALA B 70 -29.95 -19.91 12.00
CA ALA B 70 -29.72 -21.32 11.72
C ALA B 70 -29.82 -21.59 10.23
N LEU B 71 -28.96 -22.50 9.75
CA LEU B 71 -29.03 -23.08 8.41
C LEU B 71 -30.46 -23.38 7.98
N GLU B 72 -31.28 -23.75 8.95
CA GLU B 72 -32.66 -24.17 8.70
C GLU B 72 -33.60 -22.99 8.51
N TYR B 73 -33.15 -21.75 8.65
CA TYR B 73 -33.99 -20.63 8.26
C TYR B 73 -33.78 -20.25 6.81
N GLY B 74 -33.00 -21.04 6.07
CA GLY B 74 -32.72 -20.76 4.67
C GLY B 74 -32.25 -19.32 4.50
N LEU B 75 -32.87 -18.61 3.56
CA LEU B 75 -32.66 -17.17 3.38
C LEU B 75 -33.81 -16.33 3.94
N GLY B 76 -34.65 -16.89 4.81
CA GLY B 76 -35.75 -16.12 5.37
C GLY B 76 -35.31 -15.06 6.35
N GLY B 77 -36.11 -14.83 7.39
CA GLY B 77 -35.70 -14.03 8.51
C GLY B 77 -35.84 -14.86 9.78
N ALA B 78 -35.29 -14.33 10.87
CA ALA B 78 -35.30 -15.03 12.14
C ALA B 78 -35.70 -14.11 13.28
N PRO B 79 -36.18 -14.67 14.39
CA PRO B 79 -36.33 -13.89 15.63
C PRO B 79 -35.03 -13.20 16.05
N LEU B 80 -35.16 -12.11 16.82
CA LEU B 80 -34.01 -11.27 17.12
C LEU B 80 -32.93 -12.02 17.88
N ALA B 81 -33.33 -12.99 18.68
CA ALA B 81 -32.43 -13.81 19.48
C ALA B 81 -32.06 -15.13 18.78
N LYS B 82 -32.41 -15.29 17.50
CA LYS B 82 -32.09 -16.50 16.74
C LYS B 82 -31.51 -16.17 15.37
N GLY B 83 -31.08 -14.93 15.17
CA GLY B 83 -30.48 -14.53 13.91
C GLY B 83 -30.93 -13.16 13.46
N GLY B 84 -32.10 -12.72 13.92
CA GLY B 84 -32.63 -11.44 13.49
C GLY B 84 -31.71 -10.28 13.79
N LEU B 85 -30.99 -10.34 14.91
CA LEU B 85 -30.06 -9.27 15.27
C LEU B 85 -28.86 -9.29 14.33
N TRP B 86 -28.29 -10.46 14.09
CA TRP B 86 -27.23 -10.58 13.08
C TRP B 86 -27.69 -10.01 11.74
N GLN B 87 -28.98 -10.17 11.39
CA GLN B 87 -29.44 -9.74 10.07
C GLN B 87 -29.53 -8.22 9.99
N ILE B 88 -30.08 -7.56 11.02
CA ILE B 88 -30.17 -6.10 11.01
C ILE B 88 -28.78 -5.49 11.15
N ILE B 89 -28.02 -5.98 12.13
CA ILE B 89 -26.64 -5.54 12.35
C ILE B 89 -25.84 -5.60 11.04
N THR B 90 -25.94 -6.73 10.31
CA THR B 90 -25.31 -6.79 9.00
C THR B 90 -25.79 -5.66 8.10
N ILE B 91 -27.07 -5.28 8.20
CA ILE B 91 -27.59 -4.22 7.33
C ILE B 91 -27.08 -2.85 7.76
N CYS B 92 -26.93 -2.62 9.07
CA CYS B 92 -26.35 -1.36 9.53
C CYS B 92 -24.87 -1.24 9.15
N ALA B 93 -24.14 -2.35 9.26
CA ALA B 93 -22.74 -2.32 8.89
C ALA B 93 -22.56 -2.01 7.40
N THR B 94 -23.30 -2.73 6.55
CA THR B 94 -23.29 -2.43 5.12
C THR B 94 -23.69 -0.99 4.86
N GLY B 95 -24.72 -0.50 5.55
CA GLY B 95 -25.05 0.92 5.45
C GLY B 95 -23.92 1.80 5.95
N ALA B 96 -23.31 1.43 7.08
CA ALA B 96 -22.21 2.22 7.62
C ALA B 96 -21.00 2.21 6.69
N PHE B 97 -20.65 1.06 6.12
CA PHE B 97 -19.50 1.00 5.22
C PHE B 97 -19.75 1.81 3.94
N VAL B 98 -20.88 1.54 3.25
CA VAL B 98 -21.19 2.29 2.03
C VAL B 98 -21.28 3.77 2.32
N SER B 99 -21.90 4.13 3.44
CA SER B 99 -21.99 5.55 3.77
C SER B 99 -20.59 6.13 3.92
N TRP B 100 -19.70 5.37 4.58
CA TRP B 100 -18.36 5.83 4.85
C TRP B 100 -17.58 6.10 3.57
N ALA B 101 -17.75 5.23 2.56
CA ALA B 101 -17.08 5.45 1.30
C ALA B 101 -17.64 6.65 0.57
N LEU B 102 -18.92 6.97 0.82
CA LEU B 102 -19.58 8.07 0.10
C LEU B 102 -19.21 9.42 0.70
N ARG B 103 -19.23 9.49 2.05
CA ARG B 103 -18.70 10.63 2.78
C ARG B 103 -17.27 10.94 2.35
N GLU B 104 -16.44 9.90 2.21
CA GLU B 104 -15.11 10.07 1.64
C GLU B 104 -15.17 10.75 0.28
N VAL B 105 -16.20 10.46 -0.51
CA VAL B 105 -16.30 11.03 -1.84
C VAL B 105 -16.56 12.54 -1.76
N GLU B 106 -17.51 12.94 -0.90
CA GLU B 106 -17.68 14.38 -0.65
C GLU B 106 -16.33 15.01 -0.28
N ILE B 107 -15.55 14.33 0.58
CA ILE B 107 -14.26 14.89 0.97
C ILE B 107 -13.30 14.99 -0.23
N CYS B 108 -13.26 13.97 -1.09
CA CYS B 108 -12.51 14.08 -2.34
C CYS B 108 -12.98 15.27 -3.19
N ARG B 109 -14.30 15.55 -3.22
CA ARG B 109 -14.77 16.67 -4.03
C ARG B 109 -14.36 18.03 -3.43
N LYS B 110 -14.52 18.21 -2.12
CA LYS B 110 -14.18 19.50 -1.52
C LYS B 110 -12.68 19.80 -1.65
N LEU B 111 -11.84 18.80 -1.38
CA LEU B 111 -10.39 18.95 -1.50
C LEU B 111 -9.91 18.84 -2.94
N GLY B 112 -10.79 18.51 -3.88
CA GLY B 112 -10.40 18.53 -5.28
C GLY B 112 -9.39 17.46 -5.63
N ILE B 113 -9.42 16.32 -4.95
CA ILE B 113 -8.49 15.23 -5.21
C ILE B 113 -9.20 14.02 -5.88
N GLY B 114 -8.37 13.09 -6.38
CA GLY B 114 -8.86 11.88 -7.03
C GLY B 114 -9.84 11.10 -6.19
N TYR B 115 -10.65 10.23 -6.82
CA TYR B 115 -11.56 9.35 -6.10
C TYR B 115 -10.97 7.95 -5.86
N HIS B 116 -9.64 7.81 -5.91
CA HIS B 116 -8.99 6.51 -5.75
C HIS B 116 -9.31 5.86 -4.40
N ILE B 117 -9.29 6.64 -3.32
CA ILE B 117 -9.42 6.08 -1.99
C ILE B 117 -10.76 5.35 -1.80
N PRO B 118 -11.92 6.00 -1.93
CA PRO B 118 -13.17 5.29 -1.60
C PRO B 118 -13.45 4.13 -2.56
N PHE B 119 -12.75 4.12 -3.68
CA PHE B 119 -12.86 3.03 -4.63
C PHE B 119 -12.06 1.84 -4.14
N ALA B 120 -10.91 2.10 -3.50
CA ALA B 120 -10.11 1.02 -2.95
C ALA B 120 -10.77 0.39 -1.72
N PHE B 121 -11.31 1.23 -0.83
CA PHE B 121 -12.15 0.78 0.28
C PHE B 121 -13.29 -0.09 -0.20
N ALA B 122 -13.89 0.25 -1.34
CA ALA B 122 -15.06 -0.48 -1.83
C ALA B 122 -14.71 -1.93 -2.08
N PHE B 123 -13.43 -2.23 -2.30
CA PHE B 123 -13.03 -3.64 -2.41
C PHE B 123 -13.16 -4.35 -1.08
N ALA B 124 -12.82 -3.66 0.02
CA ALA B 124 -13.07 -4.26 1.32
C ALA B 124 -14.55 -4.51 1.52
N ILE B 125 -15.40 -3.64 0.98
CA ILE B 125 -16.84 -3.81 1.17
C ILE B 125 -17.34 -5.01 0.37
N LEU B 126 -16.86 -5.18 -0.86
CA LEU B 126 -17.16 -6.37 -1.63
C LEU B 126 -16.76 -7.64 -0.88
N ALA B 127 -15.57 -7.64 -0.25
CA ALA B 127 -15.11 -8.82 0.49
C ALA B 127 -16.08 -9.19 1.60
N TYR B 128 -16.50 -8.18 2.36
CA TYR B 128 -17.43 -8.39 3.46
C TYR B 128 -18.75 -8.91 2.90
N LEU B 129 -19.32 -8.19 1.94
CA LEU B 129 -20.55 -8.61 1.32
C LEU B 129 -20.40 -10.00 0.70
N THR B 130 -19.20 -10.38 0.29
CA THR B 130 -19.04 -11.72 -0.26
C THR B 130 -19.28 -12.78 0.81
N LEU B 131 -18.74 -12.58 2.02
CA LEU B 131 -18.90 -13.57 3.10
C LEU B 131 -20.27 -13.49 3.78
N VAL B 132 -20.90 -12.33 3.81
CA VAL B 132 -22.14 -12.18 4.58
C VAL B 132 -23.35 -12.08 3.70
N LEU B 133 -23.19 -12.10 2.37
CA LEU B 133 -24.33 -11.84 1.49
C LEU B 133 -24.27 -12.65 0.20
N PHE B 134 -23.26 -12.39 -0.63
CA PHE B 134 -23.18 -13.07 -1.93
C PHE B 134 -23.00 -14.58 -1.78
N ARG B 135 -22.13 -15.01 -0.87
CA ARG B 135 -21.85 -16.44 -0.69
C ARG B 135 -22.97 -17.13 0.05
N PRO B 136 -23.44 -16.59 1.20
CA PRO B 136 -24.52 -17.29 1.91
C PRO B 136 -25.81 -17.38 1.12
N VAL B 137 -26.09 -16.39 0.27
CA VAL B 137 -27.31 -16.40 -0.52
C VAL B 137 -27.22 -17.45 -1.60
N MET B 138 -26.11 -17.45 -2.33
CA MET B 138 -25.87 -18.46 -3.36
C MET B 138 -25.92 -19.87 -2.77
N MET B 139 -25.53 -20.03 -1.50
CA MET B 139 -25.59 -21.35 -0.89
C MET B 139 -26.95 -21.61 -0.30
N GLY B 140 -27.77 -20.56 -0.15
CA GLY B 140 -29.13 -20.70 0.31
C GLY B 140 -29.41 -20.46 1.77
N ALA B 141 -28.49 -19.83 2.52
CA ALA B 141 -28.82 -19.63 3.93
C ALA B 141 -27.85 -18.66 4.60
N TRP B 142 -28.41 -17.75 5.39
CA TRP B 142 -27.58 -16.78 6.09
C TRP B 142 -26.64 -17.48 7.06
N GLY B 143 -27.03 -18.64 7.56
CA GLY B 143 -26.27 -19.30 8.61
C GLY B 143 -24.85 -19.63 8.23
N TYR B 144 -24.58 -19.75 6.93
CA TYR B 144 -23.24 -19.89 6.36
C TYR B 144 -22.37 -18.66 6.54
N ALA B 145 -22.85 -17.58 7.18
CA ALA B 145 -22.02 -16.40 7.37
C ALA B 145 -21.25 -16.44 8.68
N PHE B 146 -20.27 -15.58 8.75
CA PHE B 146 -19.47 -15.66 9.95
C PHE B 146 -20.12 -14.87 11.07
N PRO B 147 -19.99 -15.34 12.30
CA PRO B 147 -20.58 -14.63 13.43
C PRO B 147 -19.76 -13.41 13.81
N TYR B 148 -20.41 -12.50 14.54
CA TYR B 148 -19.74 -11.30 15.02
C TYR B 148 -19.21 -11.61 16.42
N GLY B 149 -18.11 -12.34 16.46
CA GLY B 149 -17.42 -12.60 17.70
C GLY B 149 -15.93 -12.48 17.49
N ILE B 150 -15.23 -12.06 18.53
CA ILE B 150 -13.79 -11.86 18.40
C ILE B 150 -13.11 -13.20 18.09
N TRP B 151 -13.39 -14.23 18.88
CA TRP B 151 -12.84 -15.55 18.63
C TRP B 151 -13.75 -16.45 17.80
N THR B 152 -15.07 -16.29 17.92
CA THR B 152 -15.98 -17.12 17.14
C THR B 152 -15.82 -16.88 15.63
N HIS B 153 -15.38 -15.70 15.22
CA HIS B 153 -15.21 -15.56 13.77
C HIS B 153 -13.91 -16.22 13.30
N LEU B 154 -12.98 -16.52 14.21
CA LEU B 154 -11.81 -17.29 13.82
C LEU B 154 -12.13 -18.79 13.79
N ASP B 155 -12.97 -19.24 14.72
CA ASP B 155 -13.53 -20.59 14.61
C ASP B 155 -14.34 -20.76 13.33
N TRP B 156 -15.08 -19.74 12.90
CA TRP B 156 -15.79 -19.82 11.63
C TRP B 156 -14.81 -20.04 10.46
N VAL B 157 -13.72 -19.27 10.41
CA VAL B 157 -12.71 -19.46 9.37
C VAL B 157 -12.13 -20.88 9.45
N SER B 158 -11.84 -21.31 10.66
CA SER B 158 -11.33 -22.63 10.96
C SER B 158 -12.30 -23.70 10.46
N ASN B 159 -13.48 -23.76 11.05
CA ASN B 159 -14.51 -24.72 10.64
C ASN B 159 -14.72 -24.72 9.12
N THR B 160 -14.79 -23.54 8.51
CA THR B 160 -15.06 -23.48 7.07
C THR B 160 -13.94 -24.11 6.27
N GLY B 161 -12.70 -23.69 6.51
CA GLY B 161 -11.60 -24.12 5.67
C GLY B 161 -11.38 -25.62 5.71
N TYR B 162 -11.48 -26.22 6.90
CA TYR B 162 -11.30 -27.66 7.06
C TYR B 162 -12.51 -28.47 6.61
N THR B 163 -13.48 -27.82 5.98
CA THR B 163 -14.50 -28.54 5.25
C THR B 163 -14.01 -28.97 3.86
N TYR B 164 -12.86 -28.44 3.42
CA TYR B 164 -12.33 -28.65 2.08
C TYR B 164 -10.93 -29.25 2.12
N GLY B 165 -10.73 -30.17 3.06
CA GLY B 165 -9.43 -30.70 3.38
C GLY B 165 -8.55 -29.62 3.96
N ASN B 166 -7.61 -29.17 3.14
CA ASN B 166 -6.78 -28.02 3.42
C ASN B 166 -7.17 -26.92 2.44
N PHE B 167 -7.64 -25.79 2.98
CA PHE B 167 -7.95 -24.66 2.12
C PHE B 167 -6.73 -24.11 1.39
N HIS B 168 -5.50 -24.48 1.81
CA HIS B 168 -4.27 -24.20 1.07
C HIS B 168 -4.31 -24.62 -0.41
N TYR B 169 -5.00 -25.69 -0.74
CA TYR B 169 -4.98 -26.22 -2.10
C TYR B 169 -5.95 -25.50 -3.04
N ASN B 170 -6.78 -24.60 -2.53
CA ASN B 170 -7.69 -23.74 -3.29
C ASN B 170 -6.86 -22.79 -4.15
N PRO B 171 -6.84 -22.93 -5.47
CA PRO B 171 -5.83 -22.22 -6.30
C PRO B 171 -6.00 -20.71 -6.30
N CYS B 172 -7.21 -20.21 -5.97
CA CYS B 172 -7.44 -18.78 -5.81
C CYS B 172 -7.00 -18.33 -4.43
N HIS B 173 -7.12 -19.20 -3.43
CA HIS B 173 -6.53 -18.93 -2.12
C HIS B 173 -5.02 -18.66 -2.25
N MET B 174 -4.31 -19.45 -3.08
CA MET B 174 -2.87 -19.22 -3.21
C MET B 174 -2.55 -17.95 -4.00
N ILE B 175 -3.43 -17.56 -4.91
CA ILE B 175 -3.18 -16.31 -5.62
C ILE B 175 -3.43 -15.14 -4.69
N ALA B 176 -4.46 -15.25 -3.85
CA ALA B 176 -4.70 -14.17 -2.88
C ALA B 176 -3.56 -14.07 -1.87
N ILE B 177 -3.07 -15.22 -1.41
CA ILE B 177 -1.97 -15.24 -0.45
C ILE B 177 -0.72 -14.63 -1.08
N THR B 178 -0.36 -15.09 -2.28
CA THR B 178 0.77 -14.54 -3.02
C THR B 178 0.69 -13.02 -3.14
N PHE B 179 -0.51 -12.48 -3.37
CA PHE B 179 -0.65 -11.03 -3.49
C PHE B 179 -0.49 -10.33 -2.14
N PHE B 180 -1.02 -10.95 -1.08
CA PHE B 180 -0.94 -10.41 0.27
C PHE B 180 0.50 -10.35 0.77
N PHE B 181 1.24 -11.45 0.63
CA PHE B 181 2.68 -11.46 0.91
C PHE B 181 3.42 -10.40 0.10
N THR B 182 3.22 -10.41 -1.22
CA THR B 182 3.92 -9.45 -2.08
C THR B 182 3.54 -8.01 -1.75
N ASN B 183 2.31 -7.75 -1.32
CA ASN B 183 1.98 -6.40 -0.87
C ASN B 183 2.81 -6.02 0.33
N ALA B 184 2.88 -6.89 1.33
CA ALA B 184 3.72 -6.64 2.48
C ALA B 184 5.21 -6.55 2.11
N LEU B 185 5.69 -7.40 1.18
CA LEU B 185 7.08 -7.26 0.74
C LEU B 185 7.30 -5.86 0.18
N ALA B 186 6.32 -5.39 -0.60
CA ALA B 186 6.48 -4.14 -1.32
C ALA B 186 6.30 -2.92 -0.40
N LEU B 187 5.32 -2.95 0.51
CA LEU B 187 5.18 -1.88 1.49
C LEU B 187 6.42 -1.71 2.38
N ALA B 188 7.18 -2.79 2.58
CA ALA B 188 8.35 -2.72 3.44
C ALA B 188 9.50 -2.04 2.71
N LEU B 189 9.77 -2.53 1.49
CA LEU B 189 10.75 -1.93 0.60
C LEU B 189 10.42 -0.49 0.29
N HIS B 190 9.15 -0.21 0.02
CA HIS B 190 8.85 1.14 -0.43
C HIS B 190 8.96 2.15 0.70
N GLY B 191 8.41 1.87 1.90
CA GLY B 191 8.68 2.73 3.04
C GLY B 191 10.17 2.79 3.39
N ALA B 192 10.88 1.68 3.21
CA ALA B 192 12.29 1.70 3.58
C ALA B 192 13.07 2.52 2.59
N LEU B 193 12.63 2.53 1.33
CA LEU B 193 13.38 3.24 0.31
C LEU B 193 13.26 4.75 0.51
N VAL B 194 12.05 5.23 0.80
CA VAL B 194 11.85 6.67 1.00
C VAL B 194 12.58 7.12 2.24
N LEU B 195 12.42 6.35 3.33
CA LEU B 195 13.13 6.72 4.54
C LEU B 195 14.64 6.69 4.33
N SER B 196 15.16 5.74 3.54
CA SER B 196 16.60 5.69 3.27
C SER B 196 17.06 6.91 2.47
N ALA B 197 16.19 7.50 1.66
CA ALA B 197 16.54 8.75 0.96
C ALA B 197 16.26 10.00 1.80
N ALA B 198 15.13 10.04 2.50
CA ALA B 198 14.83 11.19 3.37
C ALA B 198 15.83 11.32 4.53
N ASN B 199 16.36 10.20 5.02
CA ASN B 199 17.23 10.16 6.19
C ASN B 199 18.48 9.41 5.81
N PRO B 200 19.38 10.04 5.06
CA PRO B 200 20.52 9.30 4.51
C PRO B 200 21.53 8.89 5.59
N GLU B 201 22.77 8.56 5.23
CA GLU B 201 23.72 8.37 6.31
C GLU B 201 24.05 9.71 6.94
N LYS B 202 24.55 9.67 8.18
CA LYS B 202 25.10 10.85 8.86
C LYS B 202 26.08 11.57 7.95
N GLY B 203 26.33 12.85 8.23
CA GLY B 203 27.22 13.62 7.39
C GLY B 203 26.87 13.65 5.90
N LYS B 204 25.61 13.39 5.54
CA LYS B 204 25.14 13.51 4.17
C LYS B 204 23.90 14.41 4.04
N GLU B 205 23.80 15.05 2.86
CA GLU B 205 22.59 15.76 2.44
C GLU B 205 21.48 14.79 2.06
N MET B 206 20.25 15.18 2.39
CA MET B 206 19.06 14.46 1.92
C MET B 206 19.23 13.99 0.47
N ARG B 207 19.10 12.69 0.26
CA ARG B 207 19.24 12.07 -1.06
C ARG B 207 18.14 12.55 -1.99
N THR B 208 18.20 12.14 -3.26
CA THR B 208 17.23 12.53 -4.28
C THR B 208 16.47 11.31 -4.78
N PRO B 209 15.41 11.50 -5.57
CA PRO B 209 14.75 10.33 -6.19
C PRO B 209 15.65 9.52 -7.12
N ASP B 210 16.57 10.16 -7.86
CA ASP B 210 17.54 9.37 -8.64
C ASP B 210 18.31 8.40 -7.76
N HIS B 211 18.68 8.83 -6.54
CA HIS B 211 19.33 7.94 -5.57
C HIS B 211 18.44 6.76 -5.22
N GLU B 212 17.13 6.97 -5.26
CA GLU B 212 16.19 5.87 -5.03
C GLU B 212 16.21 4.90 -6.20
N ASP B 213 16.14 5.43 -7.42
CA ASP B 213 16.17 4.59 -8.61
C ASP B 213 17.44 3.75 -8.68
N THR B 214 18.60 4.37 -8.41
CA THR B 214 19.88 3.67 -8.53
C THR B 214 20.00 2.57 -7.48
N PHE B 215 19.60 2.85 -6.24
CA PHE B 215 19.52 1.79 -5.23
C PHE B 215 18.84 0.55 -5.75
N PHE B 216 17.63 0.70 -6.31
CA PHE B 216 16.91 -0.49 -6.74
C PHE B 216 17.47 -1.06 -8.04
N ARG B 217 18.03 -0.22 -8.90
CA ARG B 217 18.66 -0.75 -10.10
C ARG B 217 19.89 -1.58 -9.74
N ASP B 218 20.76 -1.02 -8.88
CA ASP B 218 21.88 -1.79 -8.34
C ASP B 218 21.41 -3.08 -7.71
N LEU B 219 20.32 -3.02 -6.92
CA LEU B 219 19.87 -4.14 -6.10
C LEU B 219 19.24 -5.25 -6.92
N VAL B 220 18.21 -4.94 -7.71
CA VAL B 220 17.52 -5.97 -8.48
C VAL B 220 17.55 -5.73 -9.99
N GLY B 221 17.98 -4.58 -10.46
CA GLY B 221 18.07 -4.32 -11.90
C GLY B 221 16.90 -3.58 -12.53
N TYR B 222 16.06 -2.92 -11.73
CA TYR B 222 14.89 -2.24 -12.25
C TYR B 222 14.31 -1.34 -11.16
N SER B 223 13.94 -0.12 -11.53
CA SER B 223 13.22 0.77 -10.62
C SER B 223 11.88 1.06 -11.26
N ILE B 224 10.81 0.70 -10.54
CA ILE B 224 9.48 0.81 -11.13
C ILE B 224 9.08 2.27 -11.26
N GLY B 225 9.74 3.16 -10.53
CA GLY B 225 9.37 4.56 -10.56
C GLY B 225 8.49 4.96 -9.38
N THR B 226 8.56 6.22 -9.00
CA THR B 226 7.83 6.65 -7.82
C THR B 226 6.33 6.67 -8.05
N LEU B 227 5.88 6.89 -9.28
CA LEU B 227 4.46 6.74 -9.57
C LEU B 227 4.08 5.27 -9.68
N GLY B 228 4.98 4.43 -10.19
CA GLY B 228 4.66 3.02 -10.37
C GLY B 228 4.52 2.25 -9.06
N ILE B 229 5.36 2.55 -8.07
CA ILE B 229 5.27 1.80 -6.82
C ILE B 229 3.95 2.08 -6.11
N HIS B 230 3.35 3.25 -6.32
CA HIS B 230 2.08 3.51 -5.67
C HIS B 230 0.93 2.83 -6.43
N ARG B 231 0.95 2.88 -7.76
CA ARG B 231 0.06 2.01 -8.53
C ARG B 231 0.30 0.54 -8.17
N LEU B 232 1.56 0.12 -8.00
CA LEU B 232 1.81 -1.27 -7.65
C LEU B 232 1.22 -1.60 -6.28
N GLY B 233 1.46 -0.74 -5.28
CA GLY B 233 0.88 -0.96 -3.97
C GLY B 233 -0.63 -1.09 -4.01
N LEU B 234 -1.29 -0.25 -4.81
CA LEU B 234 -2.75 -0.32 -4.91
C LEU B 234 -3.21 -1.58 -5.62
N LEU B 235 -2.65 -1.84 -6.80
CA LEU B 235 -2.92 -3.08 -7.54
C LEU B 235 -2.69 -4.32 -6.68
N LEU B 236 -1.53 -4.38 -6.01
CA LEU B 236 -1.19 -5.51 -5.13
C LEU B 236 -2.24 -5.75 -4.05
N SER B 237 -2.61 -4.70 -3.31
CA SER B 237 -3.54 -4.86 -2.20
C SER B 237 -4.97 -5.17 -2.66
N LEU B 238 -5.45 -4.49 -3.71
CA LEU B 238 -6.80 -4.78 -4.19
C LEU B 238 -6.88 -6.17 -4.81
N SER B 239 -5.79 -6.62 -5.45
CA SER B 239 -5.81 -7.95 -6.05
C SER B 239 -5.85 -9.05 -5.00
N ALA B 240 -5.13 -8.88 -3.90
CA ALA B 240 -5.25 -9.82 -2.80
C ALA B 240 -6.71 -10.00 -2.41
N VAL B 241 -7.39 -8.87 -2.14
CA VAL B 241 -8.77 -8.91 -1.65
C VAL B 241 -9.74 -9.36 -2.74
N PHE B 242 -9.46 -9.08 -4.01
CA PHE B 242 -10.33 -9.55 -5.09
C PHE B 242 -10.21 -11.07 -5.28
N PHE B 243 -9.01 -11.63 -5.10
CA PHE B 243 -8.85 -13.09 -5.16
C PHE B 243 -9.32 -13.78 -3.87
N SER B 244 -9.17 -13.16 -2.72
CA SER B 244 -9.92 -13.63 -1.55
C SER B 244 -11.41 -13.77 -1.89
N ALA B 245 -11.99 -12.71 -2.46
CA ALA B 245 -13.42 -12.71 -2.75
C ALA B 245 -13.76 -13.81 -3.73
N CYS B 246 -12.94 -13.97 -4.78
CA CYS B 246 -13.05 -15.12 -5.66
C CYS B 246 -12.94 -16.44 -4.88
N CYS B 247 -11.88 -16.61 -4.07
CA CYS B 247 -11.59 -17.92 -3.51
C CYS B 247 -12.73 -18.44 -2.65
N MET B 248 -13.52 -17.52 -2.09
CA MET B 248 -14.65 -17.82 -1.20
C MET B 248 -15.98 -17.96 -1.95
N ILE B 249 -16.23 -17.09 -2.93
CA ILE B 249 -17.50 -17.14 -3.66
C ILE B 249 -17.63 -18.47 -4.42
N ILE B 250 -16.52 -19.07 -4.86
CA ILE B 250 -16.58 -20.37 -5.54
C ILE B 250 -16.58 -21.57 -4.61
N THR B 251 -16.40 -21.37 -3.29
CA THR B 251 -16.29 -22.47 -2.34
C THR B 251 -17.65 -22.72 -1.69
N GLY B 252 -18.25 -23.89 -2.00
CA GLY B 252 -19.58 -24.25 -1.52
C GLY B 252 -20.67 -24.19 -2.59
N THR B 253 -20.56 -23.28 -3.55
CA THR B 253 -21.56 -23.15 -4.59
C THR B 253 -21.20 -23.89 -5.87
N ILE B 254 -19.97 -23.76 -6.36
CA ILE B 254 -19.56 -24.43 -7.59
C ILE B 254 -18.36 -25.34 -7.39
N TRP B 255 -17.78 -25.41 -6.19
CA TRP B 255 -16.79 -26.43 -5.90
C TRP B 255 -17.10 -27.01 -4.53
N PHE B 256 -17.10 -28.34 -4.44
CA PHE B 256 -17.52 -28.97 -3.19
C PHE B 256 -16.48 -29.87 -2.54
N ASP B 257 -15.49 -30.36 -3.27
CA ASP B 257 -14.70 -31.47 -2.77
C ASP B 257 -13.48 -30.97 -1.99
N GLN B 258 -12.66 -31.90 -1.52
CA GLN B 258 -11.35 -31.56 -0.96
C GLN B 258 -10.59 -30.72 -1.97
N TRP B 259 -10.23 -29.50 -1.58
CA TRP B 259 -9.67 -28.57 -2.55
C TRP B 259 -8.42 -29.13 -3.23
N VAL B 260 -7.76 -30.12 -2.61
CA VAL B 260 -6.60 -30.77 -3.23
C VAL B 260 -6.99 -31.65 -4.40
N ASP B 261 -8.22 -32.20 -4.40
CA ASP B 261 -8.66 -33.00 -5.53
C ASP B 261 -8.59 -32.20 -6.82
N TRP B 262 -8.86 -30.89 -6.76
CA TRP B 262 -8.72 -30.02 -7.91
C TRP B 262 -7.42 -30.27 -8.68
N TRP B 263 -6.34 -30.59 -7.98
CA TRP B 263 -5.05 -30.81 -8.61
C TRP B 263 -4.88 -32.24 -9.11
N GLN B 264 -5.97 -32.95 -9.41
CA GLN B 264 -5.82 -34.12 -10.24
C GLN B 264 -5.84 -33.76 -11.72
N TRP B 265 -6.29 -32.55 -12.06
CA TRP B 265 -6.35 -32.14 -13.46
C TRP B 265 -4.97 -32.04 -14.07
N TRP B 266 -3.95 -31.79 -13.25
CA TRP B 266 -2.61 -31.73 -13.79
C TRP B 266 -1.98 -33.12 -13.84
N VAL B 267 -2.29 -33.97 -12.86
CA VAL B 267 -1.60 -35.25 -12.70
C VAL B 267 -2.13 -36.28 -13.69
N LYS B 268 -3.46 -36.44 -13.75
CA LYS B 268 -4.07 -37.44 -14.62
C LYS B 268 -4.07 -37.05 -16.10
N LEU B 269 -3.56 -35.86 -16.43
CA LEU B 269 -3.41 -35.33 -17.79
C LEU B 269 -2.82 -36.39 -18.72
N PRO B 270 -3.25 -36.44 -19.98
CA PRO B 270 -2.99 -37.66 -20.78
C PRO B 270 -1.55 -37.84 -21.18
N TRP B 271 -0.84 -36.76 -21.50
CA TRP B 271 0.54 -36.78 -21.98
C TRP B 271 1.56 -37.24 -20.90
N TRP B 272 1.09 -37.73 -19.76
CA TRP B 272 1.91 -38.49 -18.81
C TRP B 272 0.97 -39.35 -18.00
N ALA B 273 0.19 -40.18 -18.68
CA ALA B 273 -0.94 -40.87 -18.07
C ALA B 273 -0.77 -41.72 -16.82
N ASN B 274 0.00 -42.81 -16.96
CA ASN B 274 0.05 -43.93 -16.02
C ASN B 274 1.50 -44.22 -15.64
N ILE B 275 2.41 -43.26 -15.83
CA ILE B 275 3.83 -43.62 -15.91
C ILE B 275 4.31 -44.18 -14.57
N PRO B 276 5.15 -45.22 -14.57
CA PRO B 276 5.82 -45.62 -13.33
C PRO B 276 6.90 -44.61 -12.96
N GLY B 277 6.86 -44.13 -11.71
CA GLY B 277 7.83 -43.17 -11.24
C GLY B 277 7.22 -41.94 -10.59
N GLY B 278 7.90 -41.41 -9.56
CA GLY B 278 7.50 -40.18 -8.91
C GLY B 278 6.74 -40.34 -7.61
N ILE B 279 5.77 -39.46 -7.39
CA ILE B 279 4.87 -39.55 -6.25
C ILE B 279 3.57 -40.27 -6.61
N ASN B 280 2.96 -39.88 -7.73
CA ASN B 280 1.65 -40.36 -8.11
C ASN B 280 1.71 -41.50 -9.11
N GLY B 281 2.90 -41.98 -9.42
CA GLY B 281 3.09 -43.11 -10.32
C GLY B 281 4.28 -43.89 -9.83
N ALA C 1 -15.11 9.55 -18.80
CA ALA C 1 -13.98 8.73 -18.38
C ALA C 1 -12.83 9.62 -17.90
N GLU C 2 -13.01 10.24 -16.74
CA GLU C 2 -12.02 11.16 -16.18
C GLU C 2 -10.77 10.35 -15.82
N TYR C 3 -9.70 10.50 -16.63
CA TYR C 3 -8.45 9.75 -16.48
C TYR C 3 -7.98 9.61 -15.04
N GLN C 4 -7.43 8.42 -14.70
CA GLN C 4 -7.20 8.01 -13.31
C GLN C 4 -5.76 7.58 -12.97
N ASN C 5 -4.80 7.74 -13.88
CA ASN C 5 -3.36 7.54 -13.61
C ASN C 5 -3.05 6.14 -13.09
N ILE C 6 -3.78 5.16 -13.61
CA ILE C 6 -3.51 3.75 -13.33
C ILE C 6 -2.50 3.19 -14.33
N PHE C 7 -2.73 3.52 -15.58
CA PHE C 7 -1.83 3.21 -16.67
C PHE C 7 -1.42 4.53 -17.31
N THR C 8 -0.20 4.58 -17.82
CA THR C 8 0.27 5.75 -18.56
C THR C 8 -0.51 5.94 -19.87
N GLN C 9 -0.81 7.20 -20.20
CA GLN C 9 -1.43 7.60 -21.46
C GLN C 9 -0.42 7.77 -22.58
N VAL C 10 0.61 8.58 -22.34
CA VAL C 10 1.69 8.83 -23.27
C VAL C 10 2.99 8.42 -22.60
N GLN C 11 3.54 7.29 -23.02
CA GLN C 11 4.90 6.96 -22.65
C GLN C 11 5.86 7.85 -23.44
N VAL C 12 6.81 8.48 -22.74
CA VAL C 12 7.94 9.15 -23.35
C VAL C 12 9.25 8.49 -22.89
N ARG C 13 10.32 8.76 -23.67
CA ARG C 13 11.57 8.00 -23.57
C ARG C 13 12.73 8.79 -24.16
N GLY C 14 13.84 8.86 -23.42
CA GLY C 14 15.06 9.49 -23.88
C GLY C 14 16.29 8.71 -23.44
N PRO C 15 17.45 9.35 -23.40
CA PRO C 15 18.67 8.64 -22.99
C PRO C 15 18.49 7.81 -21.71
N ALA C 16 19.01 6.58 -21.73
CA ALA C 16 19.07 5.75 -20.53
C ALA C 16 19.61 6.55 -19.35
N ASP C 17 19.10 6.28 -18.15
CA ASP C 17 19.67 6.91 -16.96
C ASP C 17 20.65 5.97 -16.28
N LEU C 18 21.90 6.44 -16.16
CA LEU C 18 22.98 5.65 -15.59
C LEU C 18 22.98 5.68 -14.07
N GLY C 19 22.22 6.55 -13.43
CA GLY C 19 22.10 6.56 -11.99
C GLY C 19 23.22 7.33 -11.31
N MET C 20 23.02 7.58 -10.02
CA MET C 20 24.06 8.19 -9.21
C MET C 20 25.30 7.31 -9.12
N THR C 21 26.47 7.97 -9.06
CA THR C 21 27.70 7.27 -8.71
C THR C 21 27.88 7.28 -7.20
N GLU C 22 28.04 8.46 -6.60
CA GLU C 22 28.43 8.49 -5.21
C GLU C 22 29.66 7.61 -5.08
N ASP C 23 29.62 6.57 -4.24
CA ASP C 23 30.79 5.74 -3.98
C ASP C 23 30.66 4.33 -4.58
N VAL C 24 29.76 4.11 -5.54
CA VAL C 24 29.56 2.78 -6.09
C VAL C 24 30.75 2.36 -6.94
N ASN C 25 31.20 1.13 -6.74
CA ASN C 25 32.29 0.61 -7.57
C ASN C 25 31.79 0.39 -8.98
N LEU C 26 31.85 1.44 -9.82
CA LEU C 26 31.37 1.35 -11.19
C LEU C 26 31.89 0.13 -11.93
N ALA C 27 33.10 -0.34 -11.58
CA ALA C 27 33.67 -1.56 -12.16
C ALA C 27 32.72 -2.74 -12.03
N ASN C 28 31.99 -2.82 -10.94
CA ASN C 28 31.09 -3.92 -10.67
C ASN C 28 29.67 -3.63 -11.18
N ARG C 29 29.44 -2.52 -11.88
CA ARG C 29 28.12 -2.15 -12.37
C ARG C 29 27.99 -2.47 -13.85
N SER C 30 26.98 -3.28 -14.20
CA SER C 30 26.72 -3.66 -15.58
C SER C 30 26.24 -2.47 -16.39
N GLY C 31 26.19 -2.68 -17.69
CA GLY C 31 25.69 -1.65 -18.58
C GLY C 31 24.20 -1.59 -18.51
N VAL C 32 23.64 -0.59 -19.16
CA VAL C 32 22.19 -0.42 -19.14
C VAL C 32 21.57 -1.36 -20.16
N GLY C 33 20.32 -1.76 -19.92
CA GLY C 33 19.67 -2.79 -20.69
C GLY C 33 18.54 -2.28 -21.57
N PRO C 34 17.71 -3.20 -22.07
CA PRO C 34 16.64 -2.80 -22.98
C PRO C 34 15.56 -1.98 -22.28
N PHE C 35 14.72 -1.35 -23.09
CA PHE C 35 13.56 -0.62 -22.63
C PHE C 35 12.32 -1.44 -22.91
N SER C 36 11.49 -1.64 -21.89
CA SER C 36 10.23 -2.36 -22.05
C SER C 36 9.11 -1.36 -22.24
N THR C 37 8.67 -1.22 -23.49
CA THR C 37 7.45 -0.46 -23.76
C THR C 37 6.26 -1.07 -23.02
N LEU C 38 6.29 -2.38 -22.75
CA LEU C 38 5.17 -3.03 -22.09
C LEU C 38 5.09 -2.65 -20.61
N LEU C 39 6.25 -2.48 -19.97
CA LEU C 39 6.28 -2.10 -18.57
C LEU C 39 6.10 -0.61 -18.39
N GLY C 40 6.31 0.17 -19.46
CA GLY C 40 6.04 1.59 -19.46
C GLY C 40 4.59 1.94 -19.27
N TRP C 41 3.68 1.01 -19.54
CA TRP C 41 2.27 1.25 -19.28
C TRP C 41 1.97 1.35 -17.79
N PHE C 42 2.79 0.75 -16.95
CA PHE C 42 2.56 0.75 -15.52
C PHE C 42 3.61 1.52 -14.72
N GLY C 43 4.87 1.54 -15.16
CA GLY C 43 5.92 2.29 -14.48
C GLY C 43 7.07 2.59 -15.45
N ASN C 44 8.29 2.59 -14.93
CA ASN C 44 9.47 2.88 -15.75
C ASN C 44 9.69 1.79 -16.78
N ALA C 45 10.01 2.18 -18.01
CA ALA C 45 10.29 1.19 -19.06
C ALA C 45 11.72 0.70 -19.01
N GLN C 46 12.64 1.50 -18.48
CA GLN C 46 14.06 1.18 -18.56
C GLN C 46 14.39 -0.06 -17.73
N LEU C 47 15.21 -0.95 -18.28
CA LEU C 47 15.61 -2.17 -17.61
C LEU C 47 17.11 -2.11 -17.34
N GLY C 48 17.49 -2.11 -16.07
CA GLY C 48 18.88 -2.05 -15.69
C GLY C 48 19.38 -0.64 -15.50
N PRO C 49 20.68 -0.49 -15.24
CA PRO C 49 21.68 -1.55 -15.06
C PRO C 49 21.61 -2.23 -13.68
N ILE C 50 22.34 -3.32 -13.45
CA ILE C 50 22.43 -3.93 -12.14
C ILE C 50 23.86 -3.81 -11.60
N TYR C 51 23.98 -3.77 -10.27
CA TYR C 51 25.25 -4.01 -9.62
C TYR C 51 25.45 -5.51 -9.42
N LEU C 52 26.69 -5.96 -9.48
CA LEU C 52 27.00 -7.38 -9.32
CA LEU C 52 27.00 -7.38 -9.28
C LEU C 52 28.47 -7.49 -8.90
N GLY C 53 28.74 -7.41 -7.61
CA GLY C 53 30.07 -7.55 -7.09
C GLY C 53 30.27 -8.87 -6.39
N SER C 54 31.26 -8.90 -5.50
CA SER C 54 31.64 -10.12 -4.81
C SER C 54 30.46 -10.72 -4.08
N LEU C 55 29.69 -9.87 -3.42
CA LEU C 55 28.61 -10.36 -2.58
C LEU C 55 27.48 -10.91 -3.42
N GLY C 56 27.03 -10.14 -4.42
CA GLY C 56 25.96 -10.58 -5.28
C GLY C 56 26.26 -11.89 -5.97
N VAL C 57 27.52 -12.07 -6.40
CA VAL C 57 27.92 -13.27 -7.13
C VAL C 57 27.97 -14.47 -6.20
N LEU C 58 28.49 -14.28 -4.97
CA LEU C 58 28.41 -15.35 -3.99
C LEU C 58 26.96 -15.71 -3.70
N SER C 59 26.11 -14.68 -3.63
CA SER C 59 24.69 -14.91 -3.36
C SER C 59 24.04 -15.70 -4.49
N LEU C 60 24.30 -15.32 -5.72
CA LEU C 60 23.60 -16.00 -6.80
C LEU C 60 24.18 -17.38 -7.05
N PHE C 61 25.46 -17.57 -6.70
CA PHE C 61 26.07 -18.89 -6.85
C PHE C 61 25.45 -19.93 -5.92
N SER C 62 25.49 -19.67 -4.60
CA SER C 62 24.83 -20.55 -3.65
C SER C 62 23.32 -20.61 -3.91
N GLY C 63 22.69 -19.46 -4.14
CA GLY C 63 21.26 -19.47 -4.42
C GLY C 63 20.92 -20.38 -5.57
N LEU C 64 21.76 -20.41 -6.59
CA LEU C 64 21.57 -21.38 -7.66
C LEU C 64 21.85 -22.78 -7.16
N MET C 65 22.86 -22.95 -6.32
CA MET C 65 23.17 -24.29 -5.88
C MET C 65 22.09 -24.85 -4.98
N TRP C 66 21.40 -24.00 -4.22
CA TRP C 66 20.23 -24.47 -3.50
C TRP C 66 19.16 -24.93 -4.49
N PHE C 67 18.99 -24.18 -5.58
CA PHE C 67 17.98 -24.50 -6.58
C PHE C 67 18.32 -25.77 -7.34
N PHE C 68 19.59 -25.98 -7.64
CA PHE C 68 20.01 -27.16 -8.38
C PHE C 68 20.18 -28.38 -7.48
N THR C 69 20.36 -28.16 -6.18
CA THR C 69 20.31 -29.27 -5.25
C THR C 69 18.89 -29.80 -5.11
N ILE C 70 17.93 -28.94 -4.81
CA ILE C 70 16.53 -29.40 -4.73
C ILE C 70 16.09 -30.00 -6.06
N GLY C 71 16.51 -29.39 -7.18
CA GLY C 71 16.03 -29.85 -8.48
C GLY C 71 16.54 -31.23 -8.83
N ILE C 72 17.85 -31.45 -8.65
CA ILE C 72 18.41 -32.75 -8.98
C ILE C 72 17.78 -33.84 -8.12
N TRP C 73 17.39 -33.50 -6.89
CA TRP C 73 16.68 -34.46 -6.05
C TRP C 73 15.29 -34.75 -6.61
N PHE C 74 14.61 -33.71 -7.13
CA PHE C 74 13.39 -33.93 -7.90
C PHE C 74 13.67 -34.80 -9.12
N TRP C 75 14.76 -34.50 -9.83
CA TRP C 75 15.09 -35.26 -11.04
C TRP C 75 15.33 -36.73 -10.72
N TYR C 76 15.80 -37.01 -9.50
CA TYR C 76 16.03 -38.37 -9.05
C TYR C 76 14.73 -39.06 -8.65
N GLN C 77 13.94 -38.39 -7.81
CA GLN C 77 12.61 -38.85 -7.41
C GLN C 77 11.66 -39.04 -8.59
N ALA C 78 11.99 -38.54 -9.77
CA ALA C 78 11.16 -38.71 -10.94
C ALA C 78 11.72 -39.77 -11.88
N GLY C 79 12.67 -40.58 -11.42
CA GLY C 79 13.34 -41.49 -12.32
C GLY C 79 13.99 -40.78 -13.49
N TRP C 80 14.46 -39.54 -13.29
CA TRP C 80 15.10 -38.75 -14.33
C TRP C 80 14.22 -38.61 -15.56
N ASN C 81 12.91 -38.75 -15.35
CA ASN C 81 11.94 -38.78 -16.44
C ASN C 81 11.42 -37.37 -16.68
N PRO C 82 11.73 -36.75 -17.81
CA PRO C 82 11.32 -35.36 -18.05
C PRO C 82 9.82 -35.16 -18.10
N ALA C 83 9.02 -36.23 -18.08
CA ALA C 83 7.57 -36.15 -18.02
C ALA C 83 7.04 -36.47 -16.63
N VAL C 84 7.64 -37.44 -15.94
CA VAL C 84 7.34 -37.58 -14.52
C VAL C 84 7.80 -36.35 -13.76
N PHE C 85 8.77 -35.62 -14.32
CA PHE C 85 9.29 -34.44 -13.63
C PHE C 85 8.29 -33.29 -13.65
N LEU C 86 7.59 -33.12 -14.78
CA LEU C 86 6.61 -32.04 -14.85
C LEU C 86 5.28 -32.46 -14.24
N ARG C 87 4.96 -33.74 -14.28
CA ARG C 87 3.73 -34.21 -13.67
C ARG C 87 3.70 -33.85 -12.19
N ASP C 88 4.68 -34.34 -11.45
CA ASP C 88 4.70 -34.29 -10.00
C ASP C 88 5.54 -33.13 -9.46
N LEU C 89 5.94 -32.19 -10.33
CA LEU C 89 6.81 -31.08 -9.94
C LEU C 89 6.35 -30.40 -8.65
N PHE C 90 5.05 -30.20 -8.48
CA PHE C 90 4.57 -29.60 -7.24
C PHE C 90 4.39 -30.61 -6.11
N PHE C 91 4.64 -31.89 -6.37
CA PHE C 91 4.53 -32.93 -5.34
C PHE C 91 5.89 -33.43 -4.84
N PHE C 92 6.98 -33.11 -5.52
CA PHE C 92 8.29 -33.52 -5.05
C PHE C 92 8.69 -32.71 -3.83
N SER C 93 9.62 -33.27 -3.07
CA SER C 93 9.93 -32.71 -1.77
C SER C 93 11.27 -33.22 -1.27
N LEU C 94 12.19 -32.30 -0.96
CA LEU C 94 13.45 -32.59 -0.26
C LEU C 94 13.17 -32.41 1.23
N GLU C 95 13.06 -33.54 1.96
CA GLU C 95 12.74 -33.63 3.37
C GLU C 95 14.01 -33.59 4.21
N PRO C 96 13.93 -32.92 5.35
CA PRO C 96 15.03 -32.95 6.31
C PRO C 96 15.24 -34.35 6.85
N PRO C 97 16.32 -34.60 7.59
CA PRO C 97 16.48 -35.90 8.24
C PRO C 97 15.36 -36.19 9.23
N ALA C 98 14.94 -37.45 9.25
CA ALA C 98 14.08 -38.05 10.27
C ALA C 98 14.55 -37.65 11.65
N PRO C 99 13.67 -37.64 12.66
CA PRO C 99 14.03 -37.04 13.96
C PRO C 99 15.20 -37.70 14.67
N GLU C 100 15.27 -39.05 14.68
CA GLU C 100 16.31 -39.71 15.47
C GLU C 100 17.71 -39.46 14.91
N TYR C 101 17.82 -38.82 13.76
CA TYR C 101 19.11 -38.27 13.37
C TYR C 101 19.44 -37.00 14.15
N GLY C 102 18.50 -36.47 14.92
CA GLY C 102 18.73 -35.24 15.66
C GLY C 102 19.29 -34.11 14.81
N LEU C 103 20.19 -33.32 15.40
CA LEU C 103 20.95 -32.32 14.66
C LEU C 103 22.25 -32.88 14.11
N SER C 104 22.32 -34.18 13.84
CA SER C 104 23.55 -34.74 13.29
C SER C 104 23.67 -34.39 11.83
N PHE C 105 24.91 -34.16 11.40
CA PHE C 105 25.19 -33.98 9.98
C PHE C 105 25.59 -35.26 9.29
N ALA C 106 25.58 -36.38 10.00
CA ALA C 106 25.95 -37.65 9.41
C ALA C 106 24.75 -38.36 8.81
N ALA C 107 23.59 -37.72 8.80
CA ALA C 107 22.44 -38.29 8.14
C ALA C 107 22.77 -38.47 6.65
N PRO C 108 22.48 -39.63 6.06
CA PRO C 108 22.91 -39.89 4.68
C PRO C 108 22.27 -38.91 3.69
N LEU C 109 22.85 -38.87 2.50
CA LEU C 109 22.45 -37.90 1.49
C LEU C 109 20.98 -38.06 1.11
N LYS C 110 20.61 -39.24 0.60
CA LYS C 110 19.24 -39.48 0.16
C LYS C 110 18.21 -39.44 1.28
N GLU C 111 18.64 -39.39 2.54
CA GLU C 111 17.70 -39.46 3.67
C GLU C 111 17.93 -38.31 4.65
N GLY C 112 18.27 -37.13 4.13
CA GLY C 112 18.32 -35.96 4.96
C GLY C 112 19.55 -35.12 4.68
N GLY C 113 20.64 -35.80 4.34
CA GLY C 113 21.89 -35.16 4.05
C GLY C 113 21.85 -34.22 2.87
N LEU C 114 20.91 -34.41 1.96
CA LEU C 114 20.79 -33.48 0.85
C LEU C 114 20.06 -32.20 1.25
N TRP C 115 19.02 -32.33 2.08
CA TRP C 115 18.38 -31.17 2.68
C TRP C 115 19.38 -30.29 3.43
N LEU C 116 20.36 -30.91 4.09
CA LEU C 116 21.34 -30.10 4.82
C LEU C 116 22.24 -29.32 3.88
N ILE C 117 22.42 -29.81 2.65
CA ILE C 117 23.36 -29.20 1.73
C ILE C 117 22.72 -28.04 0.97
N ALA C 118 21.46 -28.20 0.56
CA ALA C 118 20.73 -27.08 -0.01
C ALA C 118 20.51 -25.98 1.04
N SER C 119 20.20 -26.40 2.28
CA SER C 119 19.98 -25.44 3.37
C SER C 119 21.23 -24.64 3.68
N PHE C 120 22.40 -25.26 3.57
CA PHE C 120 23.65 -24.51 3.64
C PHE C 120 23.74 -23.50 2.51
N PHE C 121 23.50 -23.96 1.26
CA PHE C 121 23.58 -23.09 0.10
C PHE C 121 22.57 -21.96 0.17
N MET C 122 21.37 -22.24 0.68
CA MET C 122 20.36 -21.20 0.82
C MET C 122 20.69 -20.24 1.96
N PHE C 123 21.20 -20.77 3.08
CA PHE C 123 21.67 -19.92 4.17
C PHE C 123 22.66 -18.88 3.67
N VAL C 124 23.54 -19.28 2.76
CA VAL C 124 24.57 -18.37 2.29
C VAL C 124 24.02 -17.38 1.27
N ALA C 125 23.12 -17.83 0.41
CA ALA C 125 22.52 -16.93 -0.57
C ALA C 125 21.79 -15.78 0.10
N VAL C 126 21.02 -16.07 1.15
CA VAL C 126 20.22 -15.06 1.83
C VAL C 126 21.11 -14.07 2.55
N TRP C 127 21.99 -14.56 3.42
CA TRP C 127 22.77 -13.65 4.25
C TRP C 127 23.75 -12.80 3.45
N SER C 128 24.31 -13.32 2.36
CA SER C 128 25.18 -12.48 1.54
C SER C 128 24.39 -11.60 0.60
N TRP C 129 23.14 -11.98 0.28
CA TRP C 129 22.22 -11.01 -0.29
C TRP C 129 21.80 -9.97 0.74
N TRP C 130 21.58 -10.36 2.00
CA TRP C 130 21.27 -9.35 3.01
C TRP C 130 22.41 -8.34 3.12
N GLY C 131 23.65 -8.84 3.20
CA GLY C 131 24.80 -7.95 3.20
C GLY C 131 24.84 -7.08 1.96
N ARG C 132 24.31 -7.58 0.85
CA ARG C 132 24.28 -6.77 -0.36
C ARG C 132 23.33 -5.59 -0.23
N THR C 133 22.07 -5.86 0.17
CA THR C 133 21.09 -4.79 0.36
C THR C 133 21.61 -3.68 1.28
N TYR C 134 22.47 -4.03 2.23
CA TYR C 134 23.11 -3.03 3.08
C TYR C 134 24.16 -2.23 2.31
N LEU C 135 25.12 -2.92 1.71
CA LEU C 135 26.21 -2.19 1.08
C LEU C 135 25.71 -1.34 -0.08
N ARG C 136 24.78 -1.87 -0.89
CA ARG C 136 24.15 -1.04 -1.92
C ARG C 136 23.73 0.32 -1.39
N ALA C 137 23.17 0.37 -0.17
CA ALA C 137 22.73 1.64 0.45
C ALA C 137 23.91 2.48 0.95
N GLN C 138 24.93 1.84 1.51
CA GLN C 138 26.13 2.57 1.89
C GLN C 138 26.74 3.27 0.70
N ALA C 139 26.96 2.53 -0.39
CA ALA C 139 27.62 3.05 -1.58
C ALA C 139 26.96 4.33 -2.07
N LEU C 140 25.67 4.50 -1.78
CA LEU C 140 24.91 5.64 -2.27
C LEU C 140 24.63 6.71 -1.23
N GLY C 141 25.23 6.66 -0.04
CA GLY C 141 24.94 7.62 1.01
C GLY C 141 23.55 7.50 1.63
N MET C 142 22.88 6.35 1.52
CA MET C 142 21.53 6.23 2.05
C MET C 142 21.56 5.53 3.40
N GLY C 143 20.60 5.91 4.25
CA GLY C 143 20.24 5.09 5.39
C GLY C 143 19.99 3.63 5.03
N LYS C 144 19.99 2.79 6.06
CA LYS C 144 20.03 1.34 5.93
C LYS C 144 18.65 0.70 6.11
N HIS C 145 17.58 1.49 6.05
CA HIS C 145 16.24 0.96 6.33
C HIS C 145 15.94 -0.30 5.53
N THR C 146 16.47 -0.42 4.31
CA THR C 146 16.13 -1.58 3.48
C THR C 146 16.66 -2.86 4.12
N ALA C 147 17.94 -2.87 4.48
CA ALA C 147 18.53 -4.03 5.13
C ALA C 147 17.88 -4.32 6.49
N TRP C 148 17.42 -3.29 7.19
CA TRP C 148 16.81 -3.54 8.50
C TRP C 148 15.45 -4.20 8.33
N ALA C 149 14.65 -3.68 7.38
CA ALA C 149 13.35 -4.26 7.10
C ALA C 149 13.47 -5.65 6.52
N PHE C 150 14.54 -5.91 5.77
CA PHE C 150 14.84 -7.25 5.26
C PHE C 150 15.29 -8.21 6.35
N LEU C 151 16.02 -7.72 7.36
CA LEU C 151 16.35 -8.59 8.49
C LEU C 151 15.12 -9.01 9.28
N SER C 152 13.98 -8.37 9.04
CA SER C 152 12.73 -8.73 9.68
C SER C 152 12.18 -10.01 9.10
N ALA C 153 12.29 -10.13 7.77
CA ALA C 153 11.83 -11.28 7.01
C ALA C 153 12.79 -12.46 7.17
N ILE C 154 14.09 -12.18 7.12
CA ILE C 154 15.10 -13.18 7.45
C ILE C 154 14.80 -13.79 8.81
N TRP C 155 14.30 -12.99 9.74
CA TRP C 155 14.15 -13.47 11.10
C TRP C 155 13.17 -14.63 11.18
N LEU C 156 12.00 -14.50 10.57
CA LEU C 156 11.07 -15.64 10.59
C LEU C 156 11.63 -16.82 9.79
N TRP C 157 12.47 -16.55 8.80
CA TRP C 157 13.06 -17.62 8.01
C TRP C 157 14.09 -18.39 8.82
N MET C 158 15.01 -17.66 9.48
CA MET C 158 15.96 -18.26 10.41
C MET C 158 15.27 -19.01 11.52
N VAL C 159 14.04 -18.61 11.85
CA VAL C 159 13.27 -19.30 12.89
C VAL C 159 12.70 -20.62 12.38
N LEU C 160 12.00 -20.57 11.23
CA LEU C 160 11.40 -21.78 10.69
C LEU C 160 12.43 -22.91 10.56
N GLY C 161 13.51 -22.67 9.80
CA GLY C 161 14.33 -23.77 9.36
C GLY C 161 15.63 -23.96 10.10
N PHE C 162 15.90 -23.12 11.10
CA PHE C 162 17.18 -23.06 11.77
C PHE C 162 17.00 -22.98 13.29
N ILE C 163 16.53 -21.83 13.78
CA ILE C 163 16.55 -21.54 15.21
C ILE C 163 15.60 -22.46 15.95
N ARG C 164 14.36 -22.55 15.46
CA ARG C 164 13.39 -23.40 16.14
C ARG C 164 13.73 -24.88 16.05
N PRO C 165 14.11 -25.43 14.88
CA PRO C 165 14.50 -26.86 14.87
C PRO C 165 15.68 -27.16 15.77
N ILE C 166 16.69 -26.28 15.81
CA ILE C 166 17.75 -26.42 16.81
C ILE C 166 17.15 -26.55 18.22
N LEU C 167 16.37 -25.56 18.65
CA LEU C 167 15.84 -25.60 20.02
C LEU C 167 14.91 -26.80 20.25
N MET C 168 14.27 -27.31 19.19
CA MET C 168 13.49 -28.53 19.28
C MET C 168 14.38 -29.77 19.29
N GLY C 169 15.56 -29.69 18.69
CA GLY C 169 16.56 -30.72 18.86
C GLY C 169 16.76 -31.62 17.66
N SER C 170 16.13 -31.36 16.52
CA SER C 170 16.36 -32.18 15.34
C SER C 170 16.06 -31.36 14.10
N TRP C 171 16.69 -31.77 12.99
CA TRP C 171 16.43 -31.11 11.72
C TRP C 171 15.05 -31.46 11.19
N SER C 172 14.50 -32.62 11.62
CA SER C 172 13.18 -33.03 11.17
C SER C 172 12.16 -31.91 11.30
N GLU C 173 12.37 -31.00 12.24
CA GLU C 173 11.40 -29.98 12.55
C GLU C 173 11.38 -28.85 11.53
N ALA C 174 12.29 -28.85 10.58
CA ALA C 174 12.38 -27.74 9.65
C ALA C 174 11.36 -27.91 8.51
N VAL C 175 11.35 -26.95 7.59
CA VAL C 175 10.34 -26.86 6.55
C VAL C 175 10.88 -27.53 5.29
N PRO C 176 10.21 -28.56 4.76
CA PRO C 176 10.70 -29.23 3.54
C PRO C 176 10.66 -28.34 2.31
N TYR C 177 11.53 -28.65 1.37
CA TYR C 177 11.65 -27.93 0.10
C TYR C 177 10.72 -28.58 -0.91
N GLY C 178 9.52 -28.02 -1.04
CA GLY C 178 8.49 -28.51 -1.93
C GLY C 178 7.31 -27.56 -1.93
N ILE C 179 6.65 -27.40 -3.07
CA ILE C 179 5.51 -26.50 -3.22
C ILE C 179 4.42 -26.93 -2.24
N PHE C 180 3.84 -28.09 -2.54
CA PHE C 180 2.73 -28.57 -1.74
C PHE C 180 3.20 -29.03 -0.37
N SER C 181 4.37 -29.69 -0.32
CA SER C 181 4.90 -30.20 0.95
C SER C 181 5.06 -29.11 2.01
N HIS C 182 5.48 -27.91 1.61
CA HIS C 182 5.65 -26.88 2.63
C HIS C 182 4.30 -26.35 3.10
N LEU C 183 3.28 -26.43 2.25
CA LEU C 183 1.93 -26.12 2.72
C LEU C 183 1.42 -27.20 3.66
N ASP C 184 1.62 -28.49 3.32
CA ASP C 184 1.21 -29.56 4.22
C ASP C 184 1.83 -29.35 5.59
N TRP C 185 3.13 -29.00 5.60
CA TRP C 185 3.86 -28.74 6.84
C TRP C 185 3.24 -27.60 7.63
N THR C 186 2.77 -26.56 6.92
CA THR C 186 2.15 -25.41 7.58
C THR C 186 0.83 -25.79 8.23
N ASN C 187 0.01 -26.58 7.52
CA ASN C 187 -1.20 -27.15 8.12
C ASN C 187 -0.86 -28.02 9.32
N ASN C 188 0.06 -28.96 9.13
CA ASN C 188 0.41 -29.86 10.22
C ASN C 188 0.84 -29.09 11.44
N PHE C 189 1.68 -28.08 11.24
CA PHE C 189 2.24 -27.34 12.36
C PHE C 189 1.15 -26.73 13.25
N SER C 190 0.05 -26.25 12.65
CA SER C 190 -1.03 -25.66 13.46
C SER C 190 -1.76 -26.73 14.26
N LEU C 191 -1.98 -27.89 13.66
CA LEU C 191 -2.67 -28.98 14.33
C LEU C 191 -1.81 -29.52 15.47
N VAL C 192 -0.54 -29.77 15.20
CA VAL C 192 0.36 -30.27 16.23
C VAL C 192 0.39 -29.34 17.44
N HIS C 193 0.29 -28.03 17.20
CA HIS C 193 0.46 -27.04 18.27
C HIS C 193 -0.86 -26.43 18.73
N GLY C 194 -1.97 -27.15 18.60
CA GLY C 194 -3.18 -26.76 19.29
C GLY C 194 -3.93 -25.58 18.70
N ASN C 195 -4.04 -25.50 17.37
CA ASN C 195 -4.68 -24.41 16.62
C ASN C 195 -3.84 -23.13 16.72
N LEU C 196 -3.19 -22.73 15.63
CA LEU C 196 -2.39 -21.50 15.66
C LEU C 196 -3.26 -20.25 15.81
N PHE C 197 -4.54 -20.29 15.39
CA PHE C 197 -5.41 -19.12 15.52
C PHE C 197 -5.40 -18.58 16.94
N TYR C 198 -4.97 -19.38 17.91
CA TYR C 198 -4.97 -18.97 19.30
C TYR C 198 -3.58 -18.58 19.80
N ASN C 199 -2.56 -18.61 18.94
CA ASN C 199 -1.20 -18.12 19.20
C ASN C 199 -1.26 -16.60 19.07
N PRO C 200 -1.24 -15.86 20.18
CA PRO C 200 -1.52 -14.40 20.09
C PRO C 200 -0.47 -13.62 19.28
N PHE C 201 0.73 -14.16 19.06
CA PHE C 201 1.63 -13.52 18.10
C PHE C 201 1.22 -13.77 16.64
N HIS C 202 0.58 -14.93 16.35
CA HIS C 202 0.01 -15.21 15.03
C HIS C 202 -1.12 -14.24 14.72
N GLY C 203 -2.10 -14.12 15.61
CA GLY C 203 -3.18 -13.15 15.47
C GLY C 203 -2.72 -11.70 15.40
N LEU C 204 -1.51 -11.40 15.86
CA LEU C 204 -0.90 -10.11 15.56
C LEU C 204 -0.29 -10.08 14.17
N SER C 205 0.38 -11.17 13.78
CA SER C 205 0.97 -11.23 12.45
C SER C 205 -0.08 -11.02 11.39
N ILE C 206 -1.30 -11.49 11.65
CA ILE C 206 -2.41 -11.39 10.71
C ILE C 206 -2.88 -9.95 10.61
N ALA C 207 -3.09 -9.31 11.76
CA ALA C 207 -3.49 -7.91 11.80
C ALA C 207 -2.54 -7.05 10.99
N PHE C 208 -1.25 -7.40 10.98
CA PHE C 208 -0.28 -6.62 10.25
C PHE C 208 -0.25 -6.99 8.77
N LEU C 209 -0.38 -8.28 8.43
CA LEU C 209 -0.48 -8.64 7.02
C LEU C 209 -1.73 -8.04 6.39
N TYR C 210 -2.85 -8.08 7.11
CA TYR C 210 -4.05 -7.37 6.70
C TYR C 210 -3.79 -5.86 6.70
N GLY C 211 -3.42 -5.31 7.86
CA GLY C 211 -3.11 -3.89 7.95
C GLY C 211 -2.03 -3.42 6.99
N SER C 212 -1.11 -4.30 6.60
CA SER C 212 -0.18 -3.93 5.54
C SER C 212 -0.91 -3.78 4.23
N ALA C 213 -2.02 -4.48 4.07
CA ALA C 213 -2.75 -4.39 2.83
C ALA C 213 -3.72 -3.22 2.87
N LEU C 214 -4.23 -2.94 4.05
CA LEU C 214 -5.03 -1.75 4.31
C LEU C 214 -4.23 -0.49 4.03
N LEU C 215 -2.99 -0.43 4.55
CA LEU C 215 -2.19 0.80 4.50
C LEU C 215 -1.71 1.12 3.08
N PHE C 216 -1.35 0.10 2.29
CA PHE C 216 -0.84 0.41 0.95
C PHE C 216 -1.98 0.74 0.02
N ALA C 217 -3.13 0.08 0.15
CA ALA C 217 -4.32 0.57 -0.56
C ALA C 217 -4.60 2.02 -0.17
N MET C 218 -4.57 2.33 1.15
CA MET C 218 -4.75 3.70 1.61
C MET C 218 -3.75 4.65 0.98
N HIS C 219 -2.45 4.32 1.14
CA HIS C 219 -1.36 5.17 0.65
C HIS C 219 -1.25 5.18 -0.87
N GLY C 220 -1.33 4.01 -1.52
CA GLY C 220 -1.18 3.98 -2.96
C GLY C 220 -2.29 4.77 -3.67
N ALA C 221 -3.52 4.69 -3.15
CA ALA C 221 -4.62 5.44 -3.71
C ALA C 221 -4.52 6.93 -3.41
N THR C 222 -4.05 7.28 -2.20
CA THR C 222 -3.94 8.69 -1.84
C THR C 222 -2.97 9.41 -2.75
N ILE C 223 -1.79 8.82 -2.95
CA ILE C 223 -0.77 9.42 -3.79
C ILE C 223 -1.25 9.52 -5.24
N LEU C 224 -2.06 8.57 -5.68
CA LEU C 224 -2.65 8.70 -7.00
C LEU C 224 -3.76 9.72 -7.00
N ALA C 225 -4.48 9.86 -5.89
CA ALA C 225 -5.48 10.92 -5.81
C ALA C 225 -4.85 12.32 -5.81
N VAL C 226 -3.58 12.46 -5.42
CA VAL C 226 -2.93 13.75 -5.37
C VAL C 226 -1.68 13.80 -6.28
N SER C 227 -1.55 12.83 -7.19
CA SER C 227 -0.57 12.96 -8.27
C SER C 227 -0.89 14.13 -9.19
N ARG C 228 -2.16 14.57 -9.25
CA ARG C 228 -2.53 15.76 -10.00
C ARG C 228 -1.92 17.03 -9.43
N PHE C 229 -1.13 16.93 -8.37
CA PHE C 229 -0.26 17.99 -7.85
C PHE C 229 1.18 17.47 -7.63
N GLY C 230 1.61 16.44 -8.36
CA GLY C 230 2.96 15.95 -8.15
C GLY C 230 3.17 15.22 -6.84
N GLY C 231 2.13 14.61 -6.28
CA GLY C 231 2.24 14.01 -4.96
C GLY C 231 3.23 12.85 -4.85
N GLU C 232 3.54 12.17 -5.97
CA GLU C 232 4.45 11.03 -5.89
C GLU C 232 5.90 11.48 -5.76
N ARG C 233 6.17 12.76 -5.96
CA ARG C 233 7.52 13.27 -5.76
C ARG C 233 7.71 13.51 -4.27
N GLU C 234 7.88 12.40 -3.54
CA GLU C 234 7.70 12.45 -2.10
C GLU C 234 8.85 13.16 -1.41
N LEU C 235 10.06 12.99 -1.93
CA LEU C 235 11.21 13.62 -1.32
C LEU C 235 11.03 15.13 -1.27
N GLU C 236 10.70 15.75 -2.41
CA GLU C 236 10.55 17.21 -2.41
C GLU C 236 9.29 17.66 -1.71
N GLN C 237 8.28 16.80 -1.58
CA GLN C 237 7.16 17.11 -0.70
C GLN C 237 7.61 17.03 0.77
N ILE C 238 8.43 16.04 1.10
CA ILE C 238 9.06 16.01 2.41
C ILE C 238 9.90 17.24 2.59
N ALA C 239 10.76 17.52 1.62
CA ALA C 239 11.63 18.68 1.66
C ALA C 239 10.83 19.97 1.83
N ASP C 240 9.70 20.06 1.13
CA ASP C 240 9.05 21.35 0.92
C ASP C 240 7.58 21.12 0.62
N ARG C 241 6.80 20.86 1.66
CA ARG C 241 5.37 20.62 1.60
C ARG C 241 4.71 21.38 0.47
N GLY C 242 3.92 20.69 -0.35
CA GLY C 242 3.15 21.29 -1.41
C GLY C 242 1.70 20.93 -1.17
N THR C 243 0.80 21.59 -1.92
CA THR C 243 -0.61 21.35 -1.66
C THR C 243 -0.94 19.86 -1.72
N ALA C 244 -0.17 19.09 -2.51
CA ALA C 244 -0.41 17.65 -2.63
C ALA C 244 -0.44 17.01 -1.27
N ALA C 245 0.61 17.25 -0.47
CA ALA C 245 0.73 16.70 0.87
C ALA C 245 -0.32 17.29 1.80
N GLU C 246 -0.59 18.58 1.68
CA GLU C 246 -1.62 19.19 2.52
C GLU C 246 -2.98 18.57 2.23
N ARG C 247 -3.27 18.28 0.96
CA ARG C 247 -4.56 17.72 0.58
C ARG C 247 -4.66 16.25 0.98
N ALA C 248 -3.52 15.53 0.92
CA ALA C 248 -3.52 14.13 1.34
C ALA C 248 -3.82 13.99 2.81
N ALA C 249 -3.16 14.81 3.63
CA ALA C 249 -3.35 14.69 5.07
C ALA C 249 -4.76 15.09 5.48
N LEU C 250 -5.35 16.07 4.80
CA LEU C 250 -6.66 16.60 5.18
C LEU C 250 -7.79 15.66 4.80
N PHE C 251 -7.73 15.04 3.63
CA PHE C 251 -8.67 13.95 3.37
C PHE C 251 -8.72 13.01 4.56
N TRP C 252 -7.56 12.60 5.05
CA TRP C 252 -7.57 11.62 6.14
C TRP C 252 -8.00 12.26 7.46
N ARG C 253 -7.57 13.50 7.73
CA ARG C 253 -7.97 14.15 8.98
C ARG C 253 -9.49 14.32 9.06
N TRP C 254 -10.10 14.81 7.96
CA TRP C 254 -11.55 14.94 7.90
C TRP C 254 -12.23 13.58 7.95
N THR C 255 -11.62 12.57 7.32
CA THR C 255 -12.23 11.24 7.25
C THR C 255 -12.18 10.50 8.59
N MET C 256 -11.00 10.43 9.24
CA MET C 256 -10.90 9.60 10.45
C MET C 256 -10.36 10.30 11.68
N GLY C 257 -10.12 11.61 11.61
CA GLY C 257 -9.77 12.39 12.78
C GLY C 257 -8.29 12.68 12.94
N PHE C 258 -7.45 12.05 12.13
CA PHE C 258 -6.02 12.21 12.29
C PHE C 258 -5.36 11.77 10.99
N ASN C 259 -4.10 12.13 10.83
CA ASN C 259 -3.42 12.12 9.54
C ASN C 259 -1.91 12.02 9.76
N ALA C 260 -1.19 11.76 8.67
CA ALA C 260 0.25 11.60 8.67
C ALA C 260 0.90 12.76 7.94
N THR C 261 2.23 12.72 7.85
CA THR C 261 2.99 13.60 6.98
C THR C 261 3.54 12.79 5.82
N MET C 262 4.05 13.52 4.84
CA MET C 262 4.63 12.82 3.71
C MET C 262 5.86 12.03 4.13
N GLU C 263 6.57 12.45 5.19
CA GLU C 263 7.60 11.56 5.68
C GLU C 263 6.97 10.43 6.48
N GLY C 264 6.05 10.78 7.38
CA GLY C 264 5.69 9.87 8.45
C GLY C 264 4.84 8.69 8.04
N ILE C 265 4.11 8.81 6.92
CA ILE C 265 3.36 7.66 6.40
C ILE C 265 4.33 6.58 5.96
N HIS C 266 5.58 6.95 5.73
CA HIS C 266 6.55 5.95 5.37
C HIS C 266 7.08 5.22 6.58
N ARG C 267 6.99 5.83 7.75
CA ARG C 267 7.37 5.15 9.01
C ARG C 267 6.22 4.21 9.40
N TRP C 268 4.97 4.67 9.32
CA TRP C 268 3.83 3.77 9.52
C TRP C 268 3.97 2.55 8.63
N ALA C 269 4.38 2.78 7.38
CA ALA C 269 4.42 1.74 6.38
C ALA C 269 5.56 0.76 6.65
N ILE C 270 6.77 1.28 6.91
CA ILE C 270 7.88 0.36 7.17
C ILE C 270 7.58 -0.54 8.36
N TRP C 271 6.99 0.03 9.42
CA TRP C 271 6.74 -0.72 10.66
C TRP C 271 5.56 -1.67 10.53
N MET C 272 4.51 -1.27 9.79
CA MET C 272 3.35 -2.13 9.62
C MET C 272 3.72 -3.46 8.97
N ALA C 273 4.56 -3.40 7.94
CA ALA C 273 5.06 -4.58 7.26
C ALA C 273 6.09 -5.31 8.10
N VAL C 274 7.07 -4.56 8.62
CA VAL C 274 8.14 -5.19 9.40
C VAL C 274 7.56 -6.00 10.53
N LEU C 275 6.51 -5.48 11.18
CA LEU C 275 5.91 -6.14 12.34
C LEU C 275 5.25 -7.45 11.98
N VAL C 276 4.95 -7.65 10.68
CA VAL C 276 4.32 -8.89 10.21
C VAL C 276 5.15 -10.10 10.61
N THR C 277 6.47 -10.03 10.38
CA THR C 277 7.30 -11.21 10.58
C THR C 277 8.05 -11.14 11.90
N LEU C 278 8.20 -9.95 12.48
CA LEU C 278 8.69 -9.82 13.84
C LEU C 278 7.80 -10.58 14.80
N THR C 279 6.48 -10.31 14.75
CA THR C 279 5.55 -11.07 15.58
C THR C 279 5.44 -12.51 15.09
N GLY C 280 5.31 -12.68 13.77
CA GLY C 280 5.29 -14.02 13.22
C GLY C 280 6.49 -14.86 13.63
N GLY C 281 7.67 -14.24 13.72
CA GLY C 281 8.85 -14.97 14.16
C GLY C 281 8.76 -15.39 15.62
N ILE C 282 8.25 -14.51 16.46
CA ILE C 282 8.19 -14.80 17.89
C ILE C 282 7.23 -15.94 18.16
N GLY C 283 6.00 -15.87 17.62
CA GLY C 283 5.03 -16.94 17.82
C GLY C 283 5.48 -18.31 17.34
N ILE C 284 6.36 -18.38 16.34
CA ILE C 284 6.83 -19.68 15.88
C ILE C 284 7.95 -20.19 16.76
N LEU C 285 8.89 -19.32 17.11
CA LEU C 285 9.96 -19.70 18.03
C LEU C 285 9.39 -20.31 19.30
N LEU C 286 8.22 -19.84 19.72
CA LEU C 286 7.61 -20.26 20.98
C LEU C 286 6.75 -21.51 20.86
N SER C 287 6.57 -22.07 19.67
CA SER C 287 5.68 -23.22 19.48
C SER C 287 6.48 -24.52 19.54
N GLY C 288 6.09 -25.42 20.46
CA GLY C 288 6.85 -26.59 20.80
C GLY C 288 7.96 -26.38 21.82
N THR C 289 8.55 -25.17 21.88
CA THR C 289 9.62 -24.89 22.82
C THR C 289 9.08 -24.52 24.18
N VAL C 290 8.25 -23.47 24.23
CA VAL C 290 7.66 -23.04 25.48
C VAL C 290 6.17 -23.37 25.55
N VAL C 291 5.47 -23.42 24.41
CA VAL C 291 4.03 -23.67 24.38
C VAL C 291 3.73 -24.85 23.46
N ASP C 292 3.11 -25.89 24.05
CA ASP C 292 2.74 -27.07 23.29
C ASP C 292 1.38 -26.90 22.62
N ASN C 293 0.36 -26.49 23.38
CA ASN C 293 -1.00 -26.32 22.87
C ASN C 293 -1.44 -24.87 23.02
N TRP C 294 -1.53 -24.14 21.90
CA TRP C 294 -1.88 -22.73 22.01
C TRP C 294 -3.33 -22.52 22.43
N TYR C 295 -4.23 -23.43 22.07
CA TYR C 295 -5.60 -23.26 22.53
C TYR C 295 -5.71 -23.46 24.03
N VAL C 296 -5.08 -24.51 24.56
CA VAL C 296 -5.17 -24.73 26.01
C VAL C 296 -4.51 -23.58 26.74
N TRP C 297 -3.38 -23.11 26.22
CA TRP C 297 -2.67 -21.99 26.82
C TRP C 297 -3.53 -20.73 26.78
N GLY C 298 -4.33 -20.55 25.73
CA GLY C 298 -5.27 -19.43 25.71
C GLY C 298 -6.25 -19.41 26.86
N GLN C 299 -6.49 -20.56 27.50
CA GLN C 299 -7.36 -20.65 28.66
C GLN C 299 -6.62 -20.37 29.96
N ASN C 300 -5.34 -20.77 30.02
CA ASN C 300 -4.56 -20.56 31.24
C ASN C 300 -4.27 -19.09 31.47
N HIS C 301 -4.27 -18.27 30.41
CA HIS C 301 -3.57 -16.99 30.47
C HIS C 301 -4.29 -15.99 29.55
N GLY C 302 -5.28 -15.29 30.12
CA GLY C 302 -6.04 -14.29 29.39
C GLY C 302 -7.45 -14.72 28.99
N1 LDA D . -5.16 14.89 16.97
O1 LDA D . -4.94 15.87 16.21
CM1 LDA D . -4.46 15.15 18.23
CM2 LDA D . -6.61 14.80 17.18
C1 LDA D . -4.70 13.65 16.37
C2 LDA D . -4.35 12.64 17.49
C3 LDA D . -3.89 11.31 16.90
C4 LDA D . -4.52 10.13 17.63
C5 LDA D . -4.34 8.77 16.93
C6 LDA D . -2.90 8.45 16.63
C7 LDA D . -2.68 7.02 16.10
C8 LDA D . -3.72 5.97 16.53
C9 LDA D . -3.53 4.68 15.72
C10 LDA D . -4.82 4.09 15.17
C11 LDA D . -4.53 3.24 13.93
C12 LDA D . -4.43 1.75 14.21
C1 UNL E . -2.47 -1.25 18.93
C10 UNL E . -0.28 -2.65 28.79
C11 UNL E . 0.22 -1.23 29.09
C12 UNL E . 1.37 -1.21 30.12
C2 UNL E . -3.20 -0.42 19.97
C3 UNL E . -3.05 -1.07 21.34
C4 UNL E . -3.79 -0.26 22.39
C5 UNL E . -3.66 -0.92 23.78
C6 UNL E . -2.24 -1.04 24.33
C7 UNL E . -2.40 -1.72 25.70
C8 UNL E . -1.09 -1.87 26.48
C9 UNL E . -1.46 -2.52 27.82
C1 UNL F . -0.91 -5.99 27.07
C10 UNL F . -7.72 -3.10 20.02
C11 UNL F . -9.16 -3.63 20.13
C12 UNL F . -9.92 -2.51 19.43
C13 UNL F . -11.43 -2.66 19.36
C14 UNL F . -11.90 -1.38 18.64
C15 UNL F . -13.43 -1.35 18.48
C2 UNL F . -2.28 -5.58 26.51
C3 UNL F . -3.30 -6.70 26.66
C4 UNL F . -4.60 -6.14 26.10
C5 UNL F . -4.41 -5.79 24.63
C6 UNL F . -5.70 -5.14 24.13
C7 UNL F . -5.55 -4.87 22.65
C8 UNL F . -6.79 -4.14 22.13
C9 UNL F . -6.59 -3.93 20.63
C1 EDO G . -12.28 9.08 -29.83
O1 EDO G . -11.70 10.28 -30.36
C2 EDO G . -11.40 8.59 -28.68
O2 EDO G . -10.18 8.08 -29.19
N1 LDA H . 6.41 8.30 26.97
O1 LDA H . 5.59 9.22 26.84
CM1 LDA H . 7.73 8.91 27.13
CM2 LDA H . 6.06 7.53 28.17
C1 LDA H . 6.46 7.45 25.78
C2 LDA H . 5.48 6.27 25.84
C3 LDA H . 4.02 6.68 25.64
C4 LDA H . 3.12 5.69 26.37
C5 LDA H . 2.60 4.66 25.37
C6 LDA H . 1.70 5.36 24.35
C7 LDA H . 0.44 4.56 24.05
C8 LDA H . -0.22 4.95 22.74
C9 LDA H . -1.08 3.80 22.28
C10 LDA H . -2.31 4.30 21.53
C11 LDA H . -3.53 3.56 22.07
C12 LDA H . -4.25 2.84 20.93
N1 LDA I . 3.53 16.47 27.33
O1 LDA I . 3.06 17.26 28.19
CM1 LDA I . 2.61 16.44 26.18
CM2 LDA I . 4.83 17.01 26.89
C1 LDA I . 3.75 15.15 27.95
C2 LDA I . 2.65 14.16 27.53
C3 LDA I . 3.25 12.91 26.91
C4 LDA I . 2.70 11.64 27.54
C5 LDA I . 1.40 11.21 26.84
C6 LDA I . 1.05 9.74 27.13
C7 LDA I . 0.47 9.02 25.92
C8 LDA I . -1.02 9.28 25.71
C9 LDA I . -1.56 8.53 24.49
C10 LDA I . -2.82 7.72 24.84
C11 LDA I . -2.54 6.23 25.00
C12 LDA I . -1.79 5.90 26.29
N1 LDA J . -17.62 16.55 -11.49
O1 LDA J . -16.80 15.96 -12.22
CM1 LDA J . -17.02 17.76 -10.91
CM2 LDA J . -18.78 16.95 -12.31
C1 LDA J . -18.11 15.69 -10.40
C2 LDA J . -17.69 14.23 -10.67
C3 LDA J . -18.62 13.23 -9.96
C4 LDA J . -17.84 12.05 -9.37
C5 LDA J . -18.65 10.74 -9.36
C6 LDA J . -18.75 10.14 -7.96
C7 LDA J . -18.28 8.68 -7.92
C8 LDA J . -17.05 8.51 -7.02
C9 LDA J . -17.22 7.31 -6.10
C10 LDA J . -16.34 6.12 -6.48
C11 LDA J . -16.19 5.11 -5.33
C12 LDA J . -17.33 5.15 -4.30
C18 OLC K . 2.20 -10.13 -12.24
C10 OLC K . 7.02 -7.40 -6.95
C9 OLC K . 8.16 -7.41 -6.26
C17 OLC K . 2.67 -11.18 -11.24
C11 OLC K . 6.74 -8.36 -8.08
C8 OLC K . 8.32 -6.40 -5.15
C24 OLC K . 12.09 4.12 -6.89
C16 OLC K . 1.92 -11.06 -9.91
C12 OLC K . 5.42 -7.96 -8.72
C7 OLC K . 9.71 -5.77 -5.23
C15 OLC K . 2.86 -10.87 -8.71
C13 OLC K . 4.64 -9.16 -9.27
C6 OLC K . 9.68 -4.50 -6.07
C14 OLC K . 3.32 -9.43 -8.51
C5 OLC K . 8.68 -3.47 -5.53
C4 OLC K . 9.28 -2.59 -4.47
C3 OLC K . 9.72 -1.24 -5.05
C2 OLC K . 10.28 -0.36 -3.93
C21 OLC K . 10.29 3.11 -5.61
C1 OLC K . 10.02 1.12 -4.11
C22 OLC K . 10.88 3.26 -7.01
O19 OLC K . 9.63 1.84 -3.21
O25 OLC K . 11.53 5.41 -6.73
O23 OLC K . 11.27 1.99 -7.56
O20 OLC K . 10.26 1.71 -5.40
MG BCL L . 5.28 -20.54 1.22
CHA BCL L . 2.78 -19.63 -1.03
CHB BCL L . 7.57 -19.76 -1.14
CHC BCL L . 7.62 -20.15 3.69
CHD BCL L . 2.83 -20.79 3.69
NA BCL L . 5.16 -19.79 -0.81
C1A BCL L . 4.04 -19.36 -1.53
C2A BCL L . 4.46 -18.70 -2.83
C3A BCL L . 5.88 -19.21 -2.98
C4A BCL L . 6.27 -19.49 -1.57
CMA BCL L . 5.89 -20.55 -3.72
CAA BCL L . 4.35 -17.15 -2.87
CBA BCL L . 5.14 -16.31 -1.83
CGA BCL L . 5.11 -14.86 -2.19
O1A BCL L . 4.17 -14.30 -2.50
O2A BCL L . 6.28 -14.28 -2.08
NB BCL L . 7.28 -20.01 1.29
C1B BCL L . 8.08 -19.77 0.18
C2B BCL L . 9.43 -19.59 0.55
C3B BCL L . 9.49 -19.67 1.95
C4B BCL L . 8.10 -19.95 2.38
CMB BCL L . 10.53 -19.32 -0.46
CAB BCL L . 10.60 -19.52 2.91
OBB BCL L . 10.44 -19.73 4.12
CBB BCL L . 12.01 -19.12 2.54
NC BCL L . 5.22 -20.47 3.35
C1C BCL L . 6.31 -20.39 4.17
C2C BCL L . 6.03 -20.92 5.53
C3C BCL L . 4.49 -20.83 5.60
C4C BCL L . 4.12 -20.70 4.15
CMC BCL L . 6.58 -22.34 5.63
CAC BCL L . 3.89 -19.63 6.38
CBC BCL L . 4.08 -18.27 5.73
ND BCL L . 3.25 -20.24 1.36
C1D BCL L . 2.34 -20.49 2.39
C2D BCL L . 1.00 -20.42 1.96
C3D BCL L . 1.08 -20.08 0.59
C4D BCL L . 2.45 -19.99 0.28
CMD BCL L . -0.20 -20.70 2.84
CAD BCL L . 0.38 -20.02 -0.65
OBD BCL L . -0.83 -20.21 -0.91
CBD BCL L . 1.42 -19.66 -1.77
CGD BCL L . 1.38 -20.61 -2.89
O1D BCL L . 1.09 -20.36 -4.07
O2D BCL L . 1.71 -21.84 -2.53
CED BCL L . 1.79 -22.81 -3.61
C1 BCL L . 6.51 -12.88 -2.44
C2 BCL L . 7.73 -12.99 -3.35
C3 BCL L . 8.03 -12.65 -4.59
C4 BCL L . 7.12 -11.93 -5.59
C5 BCL L . 9.46 -12.97 -5.17
C6 BCL L . 10.01 -14.45 -5.05
C7 BCL L . 9.14 -15.48 -5.80
C8 BCL L . 9.44 -17.00 -5.91
C9 BCL L . 8.18 -17.72 -6.43
C10 BCL L . 9.78 -17.62 -4.57
C11 BCL L . 9.59 -19.13 -4.49
C12 BCL L . 10.89 -19.91 -4.72
C13 BCL L . 10.64 -21.32 -5.30
C14 BCL L . 11.92 -22.06 -5.59
C15 BCL L . 9.84 -21.19 -6.63
C16 BCL L . 9.57 -22.56 -7.37
C17 BCL L . 8.69 -22.59 -8.65
C18 BCL L . 9.12 -23.56 -9.75
C19 BCL L . 9.36 -24.92 -9.08
C20 BCL L . 10.38 -23.15 -10.55
MG BCL M . -7.09 -18.59 4.22
CHA BCL M . -9.61 -16.22 3.83
CHB BCL M . -4.83 -16.09 3.68
CHC BCL M . -4.67 -20.61 5.58
CHD BCL M . -9.49 -20.83 5.49
NA BCL M . -7.24 -16.44 3.85
C1A BCL M . -8.37 -15.65 3.70
C2A BCL M . -7.99 -14.28 3.21
C3A BCL M . -6.57 -14.52 2.69
C4A BCL M . -6.13 -15.64 3.55
CMA BCL M . -6.62 -14.98 1.24
CAA BCL M . -8.04 -13.18 4.32
CBA BCL M . -8.03 -11.72 3.85
CGA BCL M . -9.35 -11.29 3.32
O1A BCL M . -10.11 -11.99 2.83
O2A BCL M . -9.69 -9.99 3.50
NB BCL M . -5.06 -18.38 4.61
C1B BCL M . -4.30 -17.26 4.33
C2B BCL M . -2.97 -17.47 4.76
C3B BCL M . -2.89 -18.77 5.31
C4B BCL M . -4.23 -19.31 5.21
CMB BCL M . -1.89 -16.40 4.60
CAB BCL M . -1.78 -19.54 5.91
OBB BCL M . -1.82 -20.80 6.09
CBB BCL M . -0.50 -18.84 6.32
NC BCL M . -7.09 -20.44 5.35
C1C BCL M . -5.97 -21.13 5.77
C2C BCL M . -6.29 -22.40 6.48
C3C BCL M . -7.79 -22.24 6.77
C4C BCL M . -8.19 -21.19 5.75
CMC BCL M . -5.91 -23.63 5.68
CAC BCL M . -8.16 -21.86 8.29
CBC BCL M . -8.37 -23.04 9.22
ND BCL M . -9.09 -18.56 4.65
C1D BCL M . -9.99 -19.57 5.03
C2D BCL M . -11.33 -19.13 4.92
C3D BCL M . -11.26 -17.84 4.43
C4D BCL M . -9.91 -17.52 4.30
CMD BCL M . -12.55 -19.92 5.30
CAD BCL M . -12.00 -16.67 4.15
OBD BCL M . -13.23 -16.47 4.19
CBD BCL M . -11.00 -15.55 3.77
CGD BCL M . -11.39 -14.97 2.49
O1D BCL M . -10.90 -15.27 1.44
O2D BCL M . -12.36 -14.05 2.58
CED BCL M . -12.87 -13.42 1.36
C1 BCL M . -10.99 -9.59 3.06
C2 BCL M . -11.30 -8.41 3.95
C3 BCL M . -12.36 -8.28 4.68
C4 BCL M . -13.52 -9.32 4.75
C5 BCL M . -12.51 -7.01 5.55
C6 BCL M . -13.79 -6.17 5.30
C7 BCL M . -13.84 -4.96 6.26
C8 BCL M . -15.01 -3.97 6.22
C9 BCL M . -15.28 -3.52 4.74
C10 BCL M . -14.79 -2.78 7.21
C11 BCL M . -14.84 -3.23 8.70
C12 BCL M . -14.79 -2.07 9.65
C13 BCL M . -14.91 -2.43 11.14
C14 BCL M . -16.36 -2.85 11.51
C15 BCL M . -14.52 -1.11 11.86
C16 BCL M . -14.18 -0.99 13.33
C17 BCL M . -14.03 0.44 13.85
C18 BCL M . -12.82 1.26 13.43
C19 BCL M . -11.61 0.34 13.68
C20 BCL M . -12.63 2.51 14.31
MG BCL N . -11.29 -11.03 11.44
CHA BCL N . -8.28 -11.08 13.16
CHB BCL N . -11.83 -7.92 12.72
CHC BCL N . -13.59 -10.49 9.04
CHD BCL N . -10.25 -13.87 9.66
NA BCL N . -10.18 -9.71 12.74
C1A BCL N . -8.99 -9.95 13.42
C2A BCL N . -8.64 -8.81 14.32
C3A BCL N . -10.01 -8.17 14.51
C4A BCL N . -10.69 -8.52 13.22
CMA BCL N . -10.74 -8.87 15.63
CAA BCL N . -7.59 -7.86 13.72
CBA BCL N . -7.91 -7.33 12.28
CGA BCL N . -6.96 -6.33 11.73
O1A BCL N . -6.02 -5.78 12.33
O2A BCL N . -7.31 -6.19 10.52
NB BCL N . -12.53 -9.46 10.94
C1B BCL N . -12.61 -8.23 11.60
C2B BCL N . -13.56 -7.41 11.01
C3B BCL N . -14.11 -8.13 9.92
C4B BCL N . -13.39 -9.40 9.90
CMB BCL N . -13.89 -5.99 11.53
CAB BCL N . -15.18 -7.85 8.98
OBB BCL N . -15.34 -8.53 7.93
CBB BCL N . -16.18 -6.72 9.22
NC BCL N . -11.90 -12.08 9.68
C1C BCL N . -12.83 -11.64 8.78
C2C BCL N . -13.22 -12.69 7.82
C3C BCL N . -11.98 -13.60 7.82
C4C BCL N . -11.29 -13.18 9.09
CMC BCL N . -14.48 -13.41 8.28
CAC BCL N . -11.11 -13.35 6.61
CBC BCL N . -10.58 -11.94 6.59
ND BCL N . -9.60 -12.17 11.30
C1D BCL N . -9.39 -13.41 10.70
C2D BCL N . -8.28 -14.07 11.25
C3D BCL N . -7.78 -13.22 12.24
C4D BCL N . -8.59 -12.07 12.23
CMD BCL N . -7.77 -15.40 10.80
CAD BCL N . -6.89 -13.08 13.35
OBD BCL N . -6.01 -13.87 13.83
CBD BCL N . -7.13 -11.68 14.00
CGD BCL N . -7.36 -11.80 15.44
O1D BCL N . -6.62 -11.44 16.32
O2D BCL N . -8.49 -12.36 15.73
CED BCL N . -8.88 -12.40 17.15
C1 BCL N . -6.56 -5.21 9.79
C2 BCL N . -7.22 -3.89 10.23
C3 BCL N . -6.60 -2.90 10.89
C4 BCL N . -5.14 -2.89 11.30
C5 BCL N . -7.31 -1.61 11.33
C6 BCL N . -7.95 -1.71 12.73
C7 BCL N . -9.04 -2.80 12.81
C8 BCL N . -9.84 -2.90 14.11
C9 BCL N . -8.98 -3.51 15.24
C10 BCL N . -11.10 -3.76 13.92
C11 BCL N . -11.92 -3.65 15.18
C12 BCL N . -13.22 -4.47 15.20
C13 BCL N . -13.96 -4.42 16.56
C14 BCL N . -13.26 -5.24 17.66
C15 BCL N . -15.43 -4.89 16.43
C16 BCL N . -16.31 -3.73 15.99
C17 BCL N . -16.65 -2.73 17.13
C18 BCL N . -18.14 -2.58 16.93
C19 BCL N . -18.59 -1.13 17.22
C20 BCL N . -18.96 -3.58 17.76
O1D BPH O . -11.32 4.97 6.72
CGD BPH O . -10.80 3.96 6.26
O2D BPH O . -9.63 3.52 6.71
CED BPH O . -9.03 4.21 7.83
CBD BPH O . -11.32 3.09 5.20
CHA BPH O . -11.13 1.62 5.53
C4D BPH O . -10.37 1.15 4.42
C3D BPH O . -9.95 2.10 3.49
CAD BPH O . -10.62 3.29 3.83
OBD BPH O . -10.69 4.37 3.21
C2D BPH O . -9.25 1.42 2.49
CMD BPH O . -8.56 1.99 1.24
C1D BPH O . -9.30 0.05 2.87
ND BPH O . -10.02 -0.13 4.05
CHD BPH O . -8.78 -1.09 2.21
C4C BPH O . -8.67 -2.38 2.70
C3C BPH O . -7.64 -3.36 2.23
CAC BPH O . -7.47 -3.51 0.64
CBC BPH O . -8.77 -3.83 -0.07
C2C BPH O . -8.12 -4.63 2.93
CMC BPH O . -6.93 -5.55 3.30
C1C BPH O . -8.88 -4.06 4.09
NC BPH O . -9.14 -2.75 3.94
CHC BPH O . -9.27 -4.78 5.22
C4B BPH O . -9.78 -4.39 6.48
C3B BPH O . -9.93 -5.24 7.67
CAB BPH O . -9.59 -6.67 7.70
CBB BPH O . -10.22 -7.64 8.69
OBB BPH O . -8.77 -7.17 6.90
C2B BPH O . -10.45 -4.39 8.67
CMB BPH O . -10.90 -4.73 10.09
C1B BPH O . -10.52 -3.10 8.11
NB BPH O . -10.17 -3.11 6.76
CHB BPH O . -10.96 -1.94 8.75
C4A BPH O . -11.18 -0.66 8.25
C3A BPH O . -11.67 0.49 9.04
CMA BPH O . -10.63 1.05 10.00
C2A BPH O . -12.00 1.53 7.98
C1A BPH O . -11.28 1.01 6.75
NA BPH O . -10.95 -0.33 6.91
CAA BPH O . -13.48 1.65 7.79
CBA BPH O . -14.08 2.28 9.01
CGA BPH O . -15.55 2.36 8.76
O1A BPH O . -16.11 1.93 7.85
O2A BPH O . -16.17 2.96 9.68
C1 BPH O . -17.64 3.09 9.54
C2 BPH O . -18.22 2.07 10.48
C3 BPH O . -18.12 2.24 11.76
C4 BPH O . -17.42 3.43 12.42
C5 BPH O . -18.70 1.23 12.75
C6 BPH O . -19.56 0.11 12.18
C7 BPH O . -20.15 -0.72 13.33
C8 BPH O . -21.04 -1.86 12.92
C9 BPH O . -22.40 -1.28 12.47
C10 BPH O . -21.21 -2.82 14.12
C11 BPH O . -20.16 -3.88 13.89
C12 BPH O . -20.45 -4.75 12.64
C13 BPH O . -19.28 -5.65 12.20
C14 BPH O . -19.59 -6.64 10.99
C15 BPH O . -18.82 -6.40 13.46
C16 BPH O . -17.41 -7.04 13.31
C17 BPH O . -17.05 -7.82 14.60
C18 BPH O . -15.70 -8.51 14.55
C19 BPH O . -15.64 -9.32 13.25
C20 BPH O . -15.42 -9.49 15.66
N1 LDA P . 23.99 -5.74 -20.88
O1 LDA P . 23.55 -6.85 -21.25
CM1 LDA P . 25.38 -5.86 -20.31
CM2 LDA P . 24.03 -4.89 -22.08
C1 LDA P . 23.07 -5.14 -19.92
C2 LDA P . 22.38 -6.25 -19.10
C3 LDA P . 21.26 -5.70 -18.20
C4 LDA P . 21.21 -6.41 -16.84
C5 LDA P . 20.18 -5.79 -15.90
C6 LDA P . 19.38 -6.83 -15.11
C7 LDA P . 17.88 -6.54 -15.17
C8 LDA P . 17.04 -7.26 -14.12
C9 LDA P . 15.60 -6.71 -14.04
C10 LDA P . 14.51 -7.80 -14.10
C11 LDA P . 13.12 -7.19 -14.37
C12 LDA P . 12.16 -7.27 -13.20
C1 UNL Q . -20.91 -14.90 -8.46
C10 UNL Q . -15.36 -11.96 -7.26
C2 UNL Q . -20.85 -13.36 -8.42
C3 UNL Q . -21.66 -12.83 -7.23
C4 UNL Q . -21.63 -11.31 -7.22
C5 UNL Q . -20.24 -10.65 -7.04
C6 UNL Q . -19.64 -11.05 -5.70
C7 UNL Q . -18.32 -10.30 -5.41
C8 UNL Q . -17.10 -10.49 -6.34
C9 UNL Q . -16.59 -11.94 -6.36
C1 UNL R . -15.88 11.30 -12.93
C10 UNL R . -10.33 5.49 -9.73
C11 UNL R . -10.49 3.98 -9.82
C12 UNL R . -9.42 3.38 -10.76
C2 UNL R . -14.87 10.95 -11.83
C3 UNL R . -14.44 9.47 -11.89
C4 UNL R . -15.70 8.59 -11.75
C5 UNL R . -15.53 7.04 -11.75
C6 UNL R . -14.73 6.37 -10.59
C7 UNL R . -13.24 6.67 -10.43
C8 UNL R . -12.83 5.91 -9.15
C9 UNL R . -11.34 6.08 -8.76
C1 HTO S . -28.26 -23.44 -4.53
O1 HTO S . -28.94 -22.20 -4.57
C2 HTO S . -28.11 -23.88 -3.08
O2 HTO S . -29.11 -23.33 -2.24
C3 HTO S . -28.03 -25.41 -2.95
O3 HTO S . -28.40 -25.85 -1.64
C4 HTO S . -26.67 -25.92 -3.38
C5 HTO S . -26.61 -27.43 -3.62
C6 HTO S . -26.26 -27.75 -5.05
C7 HTO S . -24.93 -27.14 -5.43
C1 HTO T . -17.60 -6.99 18.47
O1 HTO T . -18.09 -8.30 18.34
C2 HTO T . -17.47 -6.67 19.96
O2 HTO T . -17.39 -7.85 20.70
C3 HTO T . -16.30 -5.72 20.22
O3 HTO T . -15.40 -6.29 21.14
C4 HTO T . -16.74 -4.32 20.67
C5 HTO T . -15.95 -3.69 21.82
C6 HTO T . -14.94 -2.64 21.33
C7 HTO T . -14.56 -1.61 22.40
N1 LDA U . -36.84 -11.16 4.26
O1 LDA U . -38.00 -10.80 4.56
CM1 LDA U . -36.87 -12.55 3.77
CM2 LDA U . -36.30 -10.27 3.22
C1 LDA U . -36.00 -11.02 5.46
C2 LDA U . -34.56 -11.42 5.16
C3 LDA U . -33.60 -10.41 5.78
C4 LDA U . -32.30 -10.32 4.98
C5 LDA U . -31.09 -10.38 5.92
C6 LDA U . -30.18 -9.18 5.71
C7 LDA U . -28.83 -9.59 5.15
C8 LDA U . -28.38 -8.68 4.01
C9 LDA U . -27.33 -7.71 4.52
C10 LDA U . -26.41 -7.14 3.45
C11 LDA U . -27.19 -6.22 2.52
C12 LDA U . -28.10 -5.30 3.34
C1 CDL V . 19.53 6.33 12.36
O1 CDL V . 19.45 5.11 13.11
CA2 CDL V . 18.17 7.01 12.31
OA2 CDL V . 17.32 6.69 11.17
PA1 CDL V . 15.84 7.25 11.08
OA3 CDL V . 15.41 7.31 9.61
OA4 CDL V . 15.81 8.56 11.81
OA5 CDL V . 14.94 6.18 11.87
CA3 CDL V . 14.57 6.39 13.25
CA4 CDL V . 14.51 5.08 13.99
OA6 CDL V . 13.59 5.19 15.13
CA5 CDL V . 13.05 4.06 15.65
OA7 CDL V . 13.19 2.97 15.17
C11 CDL V . 12.31 4.34 16.93
C12 CDL V . 11.49 3.14 17.40
C13 CDL V . 10.55 3.51 18.53
C14 CDL V . 10.72 2.69 19.79
C15 CDL V . 9.43 2.14 20.37
C16 CDL V . 9.12 2.64 21.77
C17 CDL V . 8.98 1.55 22.81
C18 CDL V . 9.05 2.07 24.24
C19 CDL V . 8.08 1.40 25.22
C20 CDL V . 7.54 2.29 26.32
C21 CDL V . 6.11 2.79 26.15
C22 CDL V . 5.03 2.06 26.95
C23 CDL V . 4.36 2.88 28.07
C24 CDL V . 3.16 2.22 28.76
CA6 CDL V . 15.88 4.66 14.47
OA8 CDL V . 15.84 3.95 15.77
CA7 CDL V . 16.67 2.92 15.94
OA9 CDL V . 17.82 3.02 16.28
C31 CDL V . 15.97 1.61 15.64
C32 CDL V . 15.65 0.77 16.89
C33 CDL V . 16.04 -0.70 16.76
C34 CDL V . 15.19 -1.54 15.80
C35 CDL V . 14.55 -2.78 16.43
C36 CDL V . 13.07 -2.62 16.76
C37 CDL V . 12.32 -3.89 17.15
C38 CDL V . 12.42 -4.29 18.63
C39 CDL V . 11.77 -5.63 18.97
C40 CDL V . 10.53 -5.53 19.86
C41 CDL V . 10.65 -6.29 21.19
C42 CDL V . 9.41 -7.06 21.59
C43 CDL V . 9.70 -8.20 22.55
CB2 CDL V . 20.23 6.04 11.05
OB2 CDL V . 20.71 4.71 10.96
PB2 CDL V . 20.28 3.75 9.76
OB3 CDL V . 19.75 4.55 8.56
OB4 CDL V . 21.41 2.82 9.48
OB5 CDL V . 19.08 2.94 10.40
CB3 CDL V . 17.70 3.22 10.07
CB4 CDL V . 16.91 3.10 11.34
OB6 CDL V . 17.36 1.86 12.00
CB5 CDL V . 18.26 1.99 13.00
OB7 CDL V . 18.54 3.05 13.50
C51 CDL V . 18.87 0.68 13.38
C52 CDL V . 17.85 -0.42 13.67
C53 CDL V . 18.47 -1.68 14.25
C54 CDL V . 18.17 -2.94 13.44
C55 CDL V . 18.87 -4.21 13.93
C56 CDL V . 20.35 -4.05 14.24
C57 CDL V . 20.93 -5.01 15.28
C58 CDL V . 20.02 -5.33 16.45
CB6 CDL V . 15.43 3.02 11.12
OB8 CDL V . 15.10 1.70 10.67
CB7 CDL V . 13.81 1.34 10.73
OB9 CDL V . 12.92 2.09 11.00
C71 CDL V . 13.62 -0.11 10.42
C72 CDL V . 12.49 -0.72 11.23
C73 CDL V . 12.61 -2.22 11.42
C74 CDL V . 13.71 -2.67 12.36
C75 CDL V . 13.33 -3.90 13.16
C76 CDL V . 14.30 -5.07 13.11
C77 CDL V . 13.60 -6.41 13.19
C78 CDL V . 14.20 -7.39 14.17
C79 CDL V . 14.89 -8.58 13.52
C80 CDL V . 15.04 -9.78 14.42
C81 CDL V . 13.92 -9.88 15.46
C82 CDL V . 14.26 -10.62 16.75
C83 CDL V . 13.73 -9.94 18.01
C84 CDL V . 13.16 -10.93 19.04
MG BCL W . -1.20 -18.45 9.73
CHA BCL W . 2.18 -17.79 9.48
CHB BCL W . -1.74 -15.45 8.18
CHC BCL W . -4.44 -19.28 9.28
CHD BCL W . -0.41 -21.83 10.07
NA BCL W . 0.08 -16.81 9.00
C1A BCL W . 1.47 -16.77 8.92
C2A BCL W . 1.95 -15.39 8.63
C3A BCL W . 0.63 -14.66 8.22
C4A BCL W . -0.41 -15.71 8.33
CMA BCL W . 0.24 -13.54 9.16
CAA BCL W . 3.01 -15.41 7.50
CBA BCL W . 3.79 -14.10 7.33
CGA BCL W . 4.49 -14.11 6.05
O1A BCL W . 4.51 -13.21 5.24
O2A BCL W . 5.08 -15.25 5.88
NB BCL W . -2.85 -17.51 8.86
C1B BCL W . -2.84 -16.29 8.20
C2B BCL W . -4.10 -15.99 7.66
C3B BCL W . -4.97 -17.07 7.98
C4B BCL W . -4.11 -18.03 8.71
CMB BCL W . -4.34 -14.67 6.91
CAB BCL W . -6.43 -17.24 7.74
OBB BCL W . -7.06 -18.25 8.14
CBB BCL W . -7.28 -16.23 7.01
NC BCL W . -2.24 -20.28 9.67
C1C BCL W . -3.62 -20.40 9.57
C2C BCL W . -4.08 -21.74 10.00
C3C BCL W . -2.82 -22.59 9.80
C4C BCL W . -1.75 -21.55 9.90
CMC BCL W . -4.60 -21.72 11.44
CAC BCL W . -2.76 -23.46 8.53
CBC BCL W . -3.90 -24.49 8.48
ND BCL W . 0.49 -19.62 9.72
C1D BCL W . 0.70 -20.97 9.93
C2D BCL W . 2.10 -21.28 10.07
C3D BCL W . 2.75 -20.06 9.87
C4D BCL W . 1.75 -19.10 9.68
CMD BCL W . 2.68 -22.63 10.38
CAD BCL W . 3.98 -19.36 9.81
OBD BCL W . 5.15 -19.77 9.71
CBD BCL W . 3.66 -17.85 9.88
CGD BCL W . 3.88 -17.25 11.20
O1D BCL W . 4.69 -16.44 11.40
O2D BCL W . 3.12 -17.68 12.18
CED BCL W . 3.33 -17.04 13.45
C1 BCL W . 5.73 -15.30 4.56
C2 BCL W . 7.06 -14.65 4.68
C3 BCL W . 8.11 -15.31 5.00
C4 BCL W . 8.12 -16.79 5.29
C5 BCL W . 9.48 -14.62 5.14
C6 BCL W . 10.50 -15.11 4.08
C7 BCL W . 11.87 -14.46 4.18
C8 BCL W . 12.98 -15.23 3.44
C9 BCL W . 14.39 -14.77 3.90
C10 BCL W . 12.85 -15.02 1.94
C11 BCL W . 13.48 -16.22 1.20
C12 BCL W . 13.33 -16.17 -0.35
C13 BCL W . 14.03 -17.37 -1.03
C14 BCL W . 15.58 -17.37 -0.91
C15 BCL W . 13.74 -17.37 -2.51
C16 BCL W . 14.38 -16.37 -3.40
C17 BCL W . 14.11 -16.99 -4.79
C18 BCL W . 14.57 -16.08 -5.92
C19 BCL W . 14.05 -14.65 -5.59
C20 BCL W . 14.03 -16.56 -7.27
O1D BPH X . 16.44 -7.92 -1.76
CGD BPH X . 15.37 -7.76 -1.21
O2D BPH X . 14.35 -7.17 -1.81
CED BPH X . 14.45 -6.76 -3.20
CBD BPH X . 15.02 -8.18 0.15
CHA BPH X . 13.81 -9.12 0.23
C4D BPH X . 12.99 -8.53 1.23
C3D BPH X . 13.35 -7.27 1.63
CAD BPH X . 14.57 -6.94 0.98
OBD BPH X . 15.23 -5.89 1.00
C2D BPH X . 12.42 -6.86 2.57
CMD BPH X . 12.37 -5.55 3.35
C1D BPH X . 11.52 -7.94 2.68
ND BPH X . 11.88 -8.99 1.86
CHD BPH X . 10.36 -8.07 3.48
C4C BPH X . 9.36 -9.03 3.39
C3C BPH X . 8.08 -8.94 4.15
CAC BPH X . 8.51 -8.44 5.56
CBC BPH X . 8.06 -7.01 5.85
C2C BPH X . 7.50 -10.37 4.02
CMC BPH X . 6.05 -10.54 3.57
C1C BPH X . 8.34 -10.95 2.96
NC BPH X . 9.50 -10.25 2.80
CHC BPH X . 8.16 -12.24 2.43
C4B BPH X . 8.80 -12.89 1.37
C3B BPH X . 8.45 -14.17 0.76
CAB BPH X . 7.31 -14.95 1.19
CBB BPH X . 7.34 -16.48 1.21
OBB BPH X . 6.24 -14.39 1.56
C2B BPH X . 9.42 -14.38 -0.21
CMB BPH X . 9.58 -15.51 -1.14
C1B BPH X . 10.30 -13.29 -0.19
NB BPH X . 9.92 -12.37 0.77
CHB BPH X . 11.40 -13.10 -1.00
C4A BPH X . 12.37 -12.13 -1.02
C3A BPH X . 13.43 -12.01 -2.06
CMA BPH X . 12.83 -11.44 -3.36
C2A BPH X . 14.45 -11.07 -1.38
C1A BPH X . 13.55 -10.28 -0.47
NA BPH X . 12.39 -11.02 -0.17
CAA BPH X . 15.59 -11.88 -0.69
CBA BPH X . 16.62 -12.49 -1.69
CGA BPH X . 17.75 -13.40 -1.32
O1A BPH X . 18.45 -13.41 -0.34
O2A BPH X . 17.98 -14.26 -2.30
C1 BPH X . 19.05 -15.27 -2.28
C2 BPH X . 18.96 -15.90 -3.66
C3 BPH X . 19.55 -15.45 -4.76
C4 BPH X . 20.49 -14.22 -4.84
C5 BPH X . 19.36 -16.19 -6.10
C6 BPH X . 18.32 -17.33 -6.15
C7 BPH X . 18.26 -18.00 -7.53
C8 BPH X . 17.04 -18.89 -7.82
C9 BPH X . 16.95 -20.03 -6.75
C10 BPH X . 17.10 -19.44 -9.27
C11 BPH X . 15.81 -19.77 -10.05
C12 BPH X . 15.72 -19.09 -11.43
C13 BPH X . 16.02 -19.91 -12.71
C14 BPH X . 17.31 -20.75 -12.65
C15 BPH X . 16.15 -18.90 -13.88
C16 BPH X . 16.30 -19.32 -15.35
C17 BPH X . 16.74 -18.27 -16.41
C18 BPH X . 15.94 -16.95 -16.35
C19 BPH X . 14.44 -17.30 -16.57
C20 BPH X . 16.43 -15.89 -17.37
FE FE Y . 4.84 6.53 -0.83
C1 U10 Z . -2.06 8.17 4.01
C2 U10 Z . -1.23 8.87 3.17
C3 U10 Z . -0.89 10.18 3.42
C4 U10 Z . -1.39 10.81 4.56
C5 U10 Z . -2.23 10.10 5.42
C6 U10 Z . -2.59 8.77 5.15
C1M U10 Z . -2.36 6.76 3.64
C3M U10 Z . 0.72 10.78 1.92
C4M U10 Z . -0.10 12.78 4.58
C7 U10 Z . -3.49 7.98 6.08
C8 U10 Z . -2.74 7.04 7.01
C9 U10 Z . -2.34 7.30 8.41
C10 U10 Z . -2.85 8.51 9.14
C11 U10 Z . -1.39 6.35 9.15
C12 U10 Z . -2.15 5.49 10.18
C13 U10 Z . -3.24 4.69 9.51
C14 U10 Z . -3.36 3.21 9.60
C15 U10 Z . -2.27 2.35 10.18
C16 U10 Z . -4.61 2.54 9.11
C17 U10 Z . -5.45 2.09 10.30
C18 U10 Z . -6.34 3.27 10.65
C19 U10 Z . -7.31 3.16 11.75
C20 U10 Z . -7.46 1.85 12.49
C21 U10 Z . -8.14 4.37 12.12
C22 U10 Z . -9.54 3.93 12.55
C23 U10 Z . -10.39 5.14 12.86
C24 U10 Z . -11.64 5.33 12.13
C25 U10 Z . -12.14 4.25 11.23
C26 U10 Z . -12.45 6.60 12.27
C27 U10 Z . -12.73 6.86 13.75
C28 U10 Z . -14.18 7.24 13.85
C29 U10 Z . -14.71 8.14 14.88
C30 U10 Z . -14.24 8.03 16.30
C31 U10 Z . -15.76 9.15 14.45
C32 U10 Z . -15.99 8.98 12.93
C33 U10 Z . -16.80 10.10 12.35
C34 U10 Z . -18.25 9.98 12.11
C35 U10 Z . -19.06 8.96 12.88
C36 U10 Z . -18.95 10.86 11.08
C37 U10 Z . -19.02 12.34 11.42
C38 U10 Z . -18.42 12.77 12.74
C39 U10 Z . -19.31 13.03 13.87
C40 U10 Z . -18.77 12.93 15.28
C41 U10 Z . -20.77 13.41 13.63
O2 U10 Z . -0.98 8.39 2.06
O3 U10 Z . -0.62 10.86 2.42
O4 U10 Z . -1.33 12.04 4.65
O5 U10 Z . -2.58 10.62 6.49
CMA SPN AA . 15.32 -27.14 -14.98
O1 SPN AA . 15.62 -28.03 -13.92
CM1 SPN AA . 17.39 -29.11 -12.64
CM2 SPN AA . 17.88 -27.01 -13.91
C1 SPN AA . 16.79 -27.79 -13.15
C2 SPN AA . 16.34 -26.91 -11.97
O2 SPN AA . 17.11 -26.08 -11.52
C3 SPN AA . 14.94 -27.12 -11.39
C4 SPN AA . 14.78 -26.81 -9.93
C5 SPN AA . 13.66 -26.95 -9.21
CM3 SPN AA . 12.37 -27.47 -9.77
C6 SPN AA . 13.61 -26.61 -7.72
C7 SPN AA . 12.37 -25.83 -7.25
C8 SPN AA . 12.23 -25.77 -5.75
C9 SPN AA . 11.12 -26.00 -5.01
CM4 SPN AA . 9.80 -26.38 -5.60
C10 SPN AA . 11.13 -25.92 -3.51
C11 SPN AA . 10.40 -24.70 -2.89
C12 SPN AA . 11.01 -24.31 -1.59
C13 SPN AA . 10.40 -23.64 -0.61
CM5 SPN AA . 8.97 -23.17 -0.70
C14 SPN AA . 11.10 -23.31 0.67
C15 SPN AA . 10.10 -23.20 1.82
C16 SPN AA . 10.73 -22.82 3.16
C17 SPN AA . 12.20 -23.22 3.26
C18 SPN AA . 12.91 -22.74 4.49
CM6 SPN AA . 12.07 -22.21 5.60
C19 SPN AA . 14.23 -22.79 4.57
C20 SPN AA . 15.00 -22.31 5.76
C21 SPN AA . 16.50 -22.28 5.46
C22 SPN AA . 17.36 -22.22 6.72
CM7 SPN AA . 17.10 -20.99 7.60
C23 SPN AA . 18.82 -22.34 6.32
C24 SPN AA . 19.56 -23.00 7.48
C25 SPN AA . 20.75 -23.82 7.07
C26 SPN AA . 21.15 -24.99 7.57
CM8 SPN AA . 20.48 -25.75 8.67
C27 SPN AA . 22.39 -25.66 7.03
C28 SPN AA . 23.17 -26.40 8.12
C29 SPN AA . 24.60 -26.40 7.72
C30 SPN AA . 25.52 -25.44 7.83
CM9 SPN AA . 25.23 -24.08 8.43
CMB SPN AA . 26.93 -25.63 7.36
N1 LDA BA . -4.83 -10.06 19.15
O1 LDA BA . -6.06 -10.28 19.06
CM1 LDA BA . -4.51 -9.55 20.50
CM2 LDA BA . -4.07 -11.32 19.01
C1 LDA BA . -4.39 -9.17 18.06
C2 LDA BA . -5.29 -7.94 18.07
C3 LDA BA . -5.14 -7.15 16.78
C4 LDA BA . -5.00 -5.65 17.08
C5 LDA BA . -4.44 -4.90 15.87
C6 LDA BA . -3.38 -3.88 16.27
C7 LDA BA . -2.92 -3.05 15.07
C8 LDA BA . -1.54 -2.41 15.26
C9 LDA BA . -1.26 -1.28 14.26
C10 LDA BA . 0.01 -0.52 14.66
C11 LDA BA . 0.78 -0.01 13.43
C12 LDA BA . 2.27 0.02 13.69
N1 LDA CA . -4.00 2.53 -22.47
O1 LDA CA . -3.52 3.67 -22.68
CM1 LDA CA . -4.64 2.49 -21.14
CM2 LDA CA . -5.04 2.29 -23.49
C1 LDA CA . -2.96 1.51 -22.61
C2 LDA CA . -3.55 0.17 -22.19
C3 LDA CA . -2.54 -0.96 -22.11
C4 LDA CA . -2.70 -1.76 -20.81
C5 LDA CA . -1.76 -2.97 -20.78
C6 LDA CA . -1.58 -3.49 -19.35
C7 LDA CA . -0.16 -3.28 -18.85
C8 LDA CA . 0.39 -4.52 -18.13
C9 LDA CA . 1.60 -4.16 -17.25
C10 LDA CA . 1.24 -4.32 -15.78
C11 LDA CA . 2.16 -5.36 -15.14
C12 LDA CA . 2.29 -5.18 -13.62
N1 LDA DA . 27.96 -37.89 4.49
O1 LDA DA . 27.06 -38.66 4.09
CM1 LDA DA . 28.14 -38.05 5.94
CM2 LDA DA . 29.22 -38.27 3.83
C1 LDA DA . 27.63 -36.51 4.10
C2 LDA DA . 26.70 -35.86 5.13
C3 LDA DA . 26.03 -34.59 4.60
C4 LDA DA . 26.37 -33.33 5.40
C5 LDA DA . 25.90 -32.06 4.68
C6 LDA DA . 26.38 -30.74 5.29
C7 LDA DA . 26.28 -29.57 4.29
C8 LDA DA . 27.45 -28.60 4.33
C9 LDA DA . 28.57 -29.06 3.38
C10 LDA DA . 29.35 -27.89 2.75
C11 LDA DA . 28.72 -27.41 1.44
C12 LDA DA . 29.78 -26.99 0.43
N1 LDA EA . 10.09 -1.82 -28.19
O1 LDA EA . 9.01 -1.53 -27.65
CM1 LDA EA . 9.85 -2.17 -29.61
CM2 LDA EA . 10.68 -2.96 -27.46
C1 LDA EA . 10.98 -0.68 -28.10
C2 LDA EA . 12.33 -1.13 -28.67
C3 LDA EA . 13.47 -0.25 -28.17
C4 LDA EA . 14.71 -1.12 -27.96
C5 LDA EA . 15.42 -0.86 -26.64
C6 LDA EA . 16.30 -2.06 -26.32
C7 LDA EA . 17.79 -1.75 -26.22
C8 LDA EA . 18.63 -3.00 -26.51
C9 LDA EA . 19.95 -2.99 -25.74
C10 LDA EA . 20.14 -4.23 -24.88
C11 LDA EA . 20.92 -5.33 -25.62
C12 LDA EA . 20.60 -6.73 -25.09
C1 UNL FA . 14.65 -19.20 23.58
C10 UNL FA . 12.27 -28.74 25.92
C11 UNL FA . 11.18 -29.59 26.56
C12 UNL FA . 9.89 -29.32 25.79
C2 UNL FA . 13.19 -19.44 23.23
C3 UNL FA . 12.84 -20.92 23.49
C4 UNL FA . 13.09 -21.20 24.96
C5 UNL FA . 12.67 -22.62 25.39
C6 UNL FA . 13.35 -23.88 24.82
C7 UNL FA . 12.53 -24.97 25.53
C8 UNL FA . 12.96 -26.40 25.31
C9 UNL FA . 11.92 -27.25 26.05
C1 EDO GA . -5.62 12.26 -11.59
O1 EDO GA . -6.51 11.13 -11.49
C2 EDO GA . -4.51 12.11 -10.57
O2 EDO GA . -4.72 12.93 -9.39
N1 LDA HA . -9.36 11.87 17.30
O1 LDA HA . -9.23 13.04 16.89
CM1 LDA HA . -8.24 11.61 18.23
CM2 LDA HA . -10.64 11.72 18.02
C1 LDA HA . -9.35 10.96 16.16
C2 LDA HA . -8.87 9.57 16.58
C3 LDA HA . -9.52 8.51 15.69
C4 LDA HA . -8.79 7.16 15.70
C5 LDA HA . -9.18 6.28 16.89
C6 LDA HA . -8.29 5.04 16.94
C7 LDA HA . -8.86 3.89 16.12
C8 LDA HA . -9.71 2.93 16.95
C9 LDA HA . -8.88 1.78 17.51
C10 LDA HA . -8.87 0.58 16.55
C11 LDA HA . -7.49 -0.08 16.41
C12 LDA HA . -6.38 0.64 17.17
N1 LDA IA . 25.51 -10.04 -16.63
O1 LDA IA . 25.22 -8.82 -16.46
CM1 LDA IA . 25.76 -10.26 -18.07
CM2 LDA IA . 26.75 -10.39 -15.92
C1 LDA IA . 24.39 -10.89 -16.22
C2 LDA IA . 24.43 -11.17 -14.71
C3 LDA IA . 23.18 -10.64 -14.01
C4 LDA IA . 22.36 -11.72 -13.29
C5 LDA IA . 20.87 -11.38 -13.32
C6 LDA IA . 19.99 -12.19 -12.36
C7 LDA IA . 19.09 -11.22 -11.56
C8 LDA IA . 18.42 -11.85 -10.32
C9 LDA IA . 18.97 -11.30 -9.00
C10 LDA IA . 18.09 -11.66 -7.78
C11 LDA IA . 17.13 -10.54 -7.37
C12 LDA IA . 16.11 -10.93 -6.28
#